data_3MKM
#
_entry.id   3MKM
#
_cell.length_a   45.601
_cell.length_b   85.231
_cell.length_c   90.060
_cell.angle_alpha   66.65
_cell.angle_beta   79.39
_cell.angle_gamma   85.30
#
_symmetry.space_group_name_H-M   'P 1'
#
loop_
_entity.id
_entity.type
_entity.pdbx_description
1 polymer 'Putative uncharacterized protein YeiK'
2 non-polymer 'CALCIUM ION'
3 water water
#
_entity_poly.entity_id   1
_entity_poly.type   'polypeptide(L)'
_entity_poly.pdbx_seq_one_letter_code
;GSHMEKRKIILDCDPGHDDAIAIMMAAKHPAIDLLGITIVAGNQTLDKTLINGLNVCQKLEINVPVYAGMPQPIMRQQIV
ADNIHGDTGLDGPVFEPLTRQAESTHAVKYIIDTLMASDGDITLVPVGPLSNIAVAMRMQPAILPKIREIVLMGGAYGTG
NFTPSAEFNIFADPEAARVVFTSGVPLVMMGLDLTNQTVCTPDVIARMERAGGPAGELFSDIMNFTLKTQFENYGLAGGP
VHDATCIGYLINPDGIKTQEMYVEVDVNSGPCYGRTVCDELGVLGKPANTKVGITIDTDWFWGLVEECVRGYIKTH
;
_entity_poly.pdbx_strand_id   A,B,C,D
#
# COMPACT_ATOMS: atom_id res chain seq x y z
N MET A 4 -0.44 -48.60 -9.95
CA MET A 4 -0.35 -47.12 -10.11
C MET A 4 -0.99 -46.38 -8.92
N GLU A 5 -2.19 -46.84 -8.52
CA GLU A 5 -3.08 -46.10 -7.57
C GLU A 5 -3.59 -44.77 -8.14
N LYS A 6 -4.91 -44.68 -8.32
CA LYS A 6 -5.55 -43.43 -8.83
C LYS A 6 -5.49 -42.26 -7.86
N ARG A 7 -5.15 -41.07 -8.33
CA ARG A 7 -5.28 -39.86 -7.53
C ARG A 7 -6.70 -39.29 -7.68
N LYS A 8 -7.42 -39.20 -6.56
CA LYS A 8 -8.74 -38.54 -6.51
C LYS A 8 -8.54 -37.04 -6.60
N ILE A 9 -9.33 -36.39 -7.46
CA ILE A 9 -9.27 -34.92 -7.60
C ILE A 9 -10.65 -34.26 -7.69
N ILE A 10 -10.69 -33.02 -7.24
CA ILE A 10 -11.77 -32.08 -7.56
C ILE A 10 -11.10 -31.03 -8.43
N LEU A 11 -11.62 -30.90 -9.68
CA LEU A 11 -11.15 -29.92 -10.67
C LEU A 11 -12.02 -28.65 -10.61
N ASP A 12 -11.40 -27.57 -10.18
CA ASP A 12 -12.02 -26.27 -10.04
C ASP A 12 -11.48 -25.40 -11.19
N CYS A 13 -12.39 -24.82 -11.99
CA CYS A 13 -12.01 -24.25 -13.25
C CYS A 13 -13.01 -23.22 -13.75
N ASP A 14 -12.59 -22.44 -14.76
CA ASP A 14 -13.39 -21.32 -15.30
C ASP A 14 -13.42 -21.40 -16.83
N PRO A 15 -14.01 -22.48 -17.36
CA PRO A 15 -13.83 -22.79 -18.77
C PRO A 15 -14.31 -21.70 -19.73
N GLY A 16 -13.44 -21.28 -20.65
CA GLY A 16 -12.00 -21.52 -20.61
C GLY A 16 -11.44 -22.59 -21.52
N HIS A 17 -10.59 -22.19 -22.47
CA HIS A 17 -10.10 -23.09 -23.54
C HIS A 17 -9.22 -24.23 -23.07
N ASP A 18 -8.10 -23.91 -22.39
CA ASP A 18 -7.27 -24.92 -21.74
C ASP A 18 -7.99 -25.63 -20.57
N ASP A 19 -8.92 -24.94 -19.89
CA ASP A 19 -9.74 -25.61 -18.89
C ASP A 19 -10.38 -26.86 -19.49
N ALA A 20 -10.96 -26.69 -20.68
CA ALA A 20 -11.64 -27.74 -21.39
C ALA A 20 -10.69 -28.90 -21.72
N ILE A 21 -9.45 -28.58 -22.07
CA ILE A 21 -8.43 -29.61 -22.33
C ILE A 21 -8.12 -30.36 -21.05
N ALA A 22 -8.05 -29.61 -19.95
CA ALA A 22 -7.85 -30.14 -18.60
C ALA A 22 -8.97 -31.12 -18.20
N ILE A 23 -10.23 -30.73 -18.44
CA ILE A 23 -11.38 -31.59 -18.15
C ILE A 23 -11.25 -32.89 -18.94
N MET A 24 -10.91 -32.76 -20.21
CA MET A 24 -10.83 -33.89 -21.12
C MET A 24 -9.83 -34.95 -20.65
N MET A 25 -8.65 -34.47 -20.26
CA MET A 25 -7.59 -35.35 -19.75
C MET A 25 -7.99 -35.97 -18.41
N ALA A 26 -8.46 -35.14 -17.49
CA ALA A 26 -8.82 -35.57 -16.13
C ALA A 26 -9.88 -36.66 -16.15
N ALA A 27 -10.87 -36.50 -17.02
CA ALA A 27 -12.06 -37.35 -17.04
C ALA A 27 -11.77 -38.72 -17.64
N LYS A 28 -10.62 -38.87 -18.29
CA LYS A 28 -10.34 -40.08 -19.06
C LYS A 28 -9.16 -40.95 -18.57
N HIS A 29 -8.12 -40.32 -18.04
CA HIS A 29 -6.92 -41.05 -17.77
C HIS A 29 -7.07 -41.97 -16.55
N PRO A 30 -6.64 -43.24 -16.67
CA PRO A 30 -6.84 -44.21 -15.60
C PRO A 30 -6.11 -43.90 -14.29
N ALA A 31 -5.11 -43.01 -14.33
CA ALA A 31 -4.38 -42.59 -13.13
C ALA A 31 -5.11 -41.52 -12.32
N ILE A 32 -6.24 -41.01 -12.84
CA ILE A 32 -6.98 -39.94 -12.20
C ILE A 32 -8.40 -40.40 -11.88
N ASP A 33 -8.88 -40.07 -10.68
CA ASP A 33 -10.28 -40.31 -10.30
C ASP A 33 -10.97 -38.95 -10.11
N LEU A 34 -11.63 -38.49 -11.17
CA LEU A 34 -12.28 -37.19 -11.17
C LEU A 34 -13.62 -37.27 -10.44
N LEU A 35 -13.65 -36.76 -9.20
CA LEU A 35 -14.83 -36.84 -8.35
C LEU A 35 -15.91 -35.86 -8.78
N GLY A 36 -15.49 -34.64 -9.07
CA GLY A 36 -16.44 -33.56 -9.36
C GLY A 36 -15.73 -32.41 -10.01
N ILE A 37 -16.51 -31.58 -10.71
CA ILE A 37 -15.99 -30.34 -11.29
C ILE A 37 -16.73 -29.18 -10.66
N THR A 38 -15.98 -28.19 -10.20
CA THR A 38 -16.54 -26.99 -9.62
C THR A 38 -16.18 -25.83 -10.53
N ILE A 39 -17.10 -24.88 -10.68
CA ILE A 39 -16.94 -23.78 -11.61
C ILE A 39 -16.86 -22.47 -10.85
N VAL A 40 -15.97 -21.59 -11.31
CA VAL A 40 -15.78 -20.30 -10.72
C VAL A 40 -15.84 -19.23 -11.85
N ALA A 41 -16.22 -18.00 -11.50
CA ALA A 41 -16.05 -16.88 -12.41
C ALA A 41 -14.58 -16.62 -12.65
N GLY A 42 -14.26 -16.23 -13.89
CA GLY A 42 -12.88 -15.90 -14.24
C GLY A 42 -12.76 -15.43 -15.67
N ASN A 43 -12.42 -16.36 -16.56
CA ASN A 43 -12.32 -16.05 -18.00
C ASN A 43 -13.53 -15.28 -18.48
N GLN A 44 -14.69 -15.70 -18.02
CA GLN A 44 -15.90 -14.94 -18.17
C GLN A 44 -16.72 -14.97 -16.88
N THR A 45 -17.87 -14.32 -16.90
CA THR A 45 -18.79 -14.37 -15.78
C THR A 45 -19.24 -15.81 -15.54
N LEU A 46 -19.74 -16.09 -14.33
CA LEU A 46 -20.06 -17.47 -13.92
C LEU A 46 -21.17 -18.10 -14.79
N ASP A 47 -22.18 -17.32 -15.13
CA ASP A 47 -23.24 -17.84 -16.02
C ASP A 47 -22.64 -18.52 -17.27
N LYS A 48 -21.61 -17.91 -17.84
CA LYS A 48 -20.96 -18.38 -19.06
C LYS A 48 -19.98 -19.53 -18.82
N THR A 49 -19.14 -19.44 -17.79
CA THR A 49 -18.19 -20.52 -17.52
C THR A 49 -18.89 -21.82 -17.08
N LEU A 50 -20.03 -21.69 -16.39
CA LEU A 50 -20.87 -22.83 -16.07
C LEU A 50 -21.41 -23.51 -17.33
N ILE A 51 -22.04 -22.75 -18.23
CA ILE A 51 -22.52 -23.24 -19.52
C ILE A 51 -21.37 -23.92 -20.28
N ASN A 52 -20.23 -23.25 -20.37
CA ASN A 52 -19.08 -23.78 -21.04
C ASN A 52 -18.66 -25.16 -20.49
N GLY A 53 -18.57 -25.26 -19.18
CA GLY A 53 -18.18 -26.53 -18.55
C GLY A 53 -19.18 -27.65 -18.82
N LEU A 54 -20.46 -27.33 -18.67
CA LEU A 54 -21.53 -28.29 -18.97
C LEU A 54 -21.48 -28.75 -20.44
N ASN A 55 -21.24 -27.82 -21.36
CA ASN A 55 -21.12 -28.12 -22.79
C ASN A 55 -19.99 -29.12 -23.07
N VAL A 56 -18.84 -28.89 -22.47
CA VAL A 56 -17.70 -29.78 -22.66
C VAL A 56 -18.04 -31.19 -22.19
N CYS A 57 -18.59 -31.29 -20.98
CA CYS A 57 -18.96 -32.60 -20.42
C CYS A 57 -20.00 -33.29 -21.25
N GLN A 58 -21.00 -32.53 -21.74
CA GLN A 58 -22.05 -33.11 -22.55
C GLN A 58 -21.46 -33.67 -23.81
N LYS A 59 -20.60 -32.91 -24.48
CA LYS A 59 -20.10 -33.34 -25.79
C LYS A 59 -19.19 -34.56 -25.70
N LEU A 60 -18.37 -34.61 -24.65
CA LEU A 60 -17.46 -35.72 -24.43
C LEU A 60 -18.13 -36.88 -23.69
N GLU A 61 -19.40 -36.73 -23.32
CA GLU A 61 -20.13 -37.72 -22.53
C GLU A 61 -19.41 -38.04 -21.21
N ILE A 62 -18.94 -37.00 -20.54
CA ILE A 62 -18.33 -37.15 -19.23
C ILE A 62 -19.45 -37.08 -18.19
N ASN A 63 -19.61 -38.16 -17.44
CA ASN A 63 -20.64 -38.24 -16.42
C ASN A 63 -20.06 -38.01 -15.02
N VAL A 64 -19.77 -36.74 -14.77
CA VAL A 64 -19.25 -36.24 -13.51
C VAL A 64 -20.15 -35.07 -13.11
N PRO A 65 -20.51 -34.97 -11.82
CA PRO A 65 -21.31 -33.80 -11.40
C PRO A 65 -20.53 -32.50 -11.52
N VAL A 66 -21.23 -31.45 -11.93
CA VAL A 66 -20.68 -30.11 -12.06
C VAL A 66 -21.44 -29.17 -11.11
N TYR A 67 -20.69 -28.37 -10.34
CA TYR A 67 -21.25 -27.48 -9.32
C TYR A 67 -20.88 -26.03 -9.60
N ALA A 68 -21.86 -25.13 -9.48
CA ALA A 68 -21.61 -23.68 -9.63
C ALA A 68 -21.08 -23.09 -8.29
N GLY A 69 -20.02 -22.29 -8.37
CA GLY A 69 -19.46 -21.63 -7.20
C GLY A 69 -19.59 -20.11 -7.19
N MET A 70 -18.47 -19.44 -6.95
CA MET A 70 -18.46 -18.00 -6.74
C MET A 70 -18.58 -17.24 -8.05
N PRO A 71 -19.60 -16.35 -8.16
CA PRO A 71 -19.71 -15.48 -9.32
C PRO A 71 -18.87 -14.22 -9.27
N GLN A 72 -18.19 -13.97 -8.14
CA GLN A 72 -17.34 -12.79 -7.95
C GLN A 72 -16.16 -13.15 -7.09
N PRO A 73 -15.07 -12.35 -7.18
CA PRO A 73 -13.96 -12.52 -6.28
C PRO A 73 -14.33 -12.07 -4.86
N ILE A 74 -13.50 -12.41 -3.88
CA ILE A 74 -13.91 -12.19 -2.51
C ILE A 74 -13.94 -10.71 -2.12
N MET A 75 -13.13 -9.88 -2.78
CA MET A 75 -13.01 -8.47 -2.39
C MET A 75 -12.86 -7.49 -3.56
N ARG A 76 -12.05 -7.82 -4.57
CA ARG A 76 -11.75 -6.83 -5.60
C ARG A 76 -12.89 -6.64 -6.64
N GLN A 77 -12.72 -5.64 -7.47
CA GLN A 77 -13.67 -5.38 -8.54
C GLN A 77 -13.42 -6.38 -9.67
N GLN A 78 -14.47 -7.09 -10.08
CA GLN A 78 -14.32 -8.18 -11.02
C GLN A 78 -13.66 -7.78 -12.36
N ILE A 79 -12.76 -8.65 -12.83
CA ILE A 79 -12.24 -8.57 -14.19
C ILE A 79 -12.45 -9.94 -14.88
N VAL A 80 -12.53 -9.90 -16.21
CA VAL A 80 -12.62 -11.09 -17.04
C VAL A 80 -11.47 -11.11 -18.05
N ALA A 81 -11.28 -12.27 -18.69
CA ALA A 81 -10.25 -12.45 -19.71
C ALA A 81 -10.88 -12.68 -21.08
N ASP A 82 -11.88 -11.86 -21.43
CA ASP A 82 -12.55 -11.95 -22.76
C ASP A 82 -11.56 -11.71 -23.93
N ASN A 83 -10.45 -11.04 -23.66
CA ASN A 83 -9.41 -10.76 -24.65
C ASN A 83 -8.75 -12.03 -25.19
N ILE A 84 -8.62 -13.04 -24.34
CA ILE A 84 -8.03 -14.31 -24.71
C ILE A 84 -9.10 -15.34 -25.08
N HIS A 85 -10.24 -15.29 -24.36
CA HIS A 85 -11.25 -16.35 -24.43
C HIS A 85 -12.52 -16.05 -25.18
N GLY A 86 -12.63 -14.82 -25.69
CA GLY A 86 -13.81 -14.44 -26.47
C GLY A 86 -14.99 -14.14 -25.57
N ASP A 87 -16.08 -13.72 -26.20
CA ASP A 87 -17.24 -13.20 -25.50
C ASP A 87 -18.01 -14.30 -24.74
N THR A 88 -18.07 -15.49 -25.33
CA THR A 88 -18.71 -16.65 -24.70
C THR A 88 -17.82 -17.28 -23.59
N GLY A 89 -16.52 -16.98 -23.65
CA GLY A 89 -15.50 -17.63 -22.78
C GLY A 89 -14.92 -18.92 -23.35
N LEU A 90 -15.54 -19.43 -24.41
CA LEU A 90 -15.09 -20.68 -25.07
C LEU A 90 -15.47 -20.65 -26.57
N ASP A 91 -15.15 -19.53 -27.23
CA ASP A 91 -15.33 -19.41 -28.69
C ASP A 91 -14.58 -20.50 -29.45
N GLY A 92 -15.18 -20.98 -30.53
CA GLY A 92 -14.59 -22.00 -31.40
C GLY A 92 -15.57 -23.14 -31.71
N PRO A 93 -15.71 -24.10 -30.78
CA PRO A 93 -16.59 -25.25 -31.01
C PRO A 93 -18.09 -24.97 -30.97
N VAL A 94 -18.84 -25.83 -31.65
CA VAL A 94 -20.28 -25.85 -31.55
C VAL A 94 -20.72 -26.92 -30.55
N PHE A 95 -21.85 -26.64 -29.89
CA PHE A 95 -22.41 -27.49 -28.86
C PHE A 95 -23.93 -27.60 -29.03
N GLU A 96 -24.44 -28.83 -28.94
CA GLU A 96 -25.88 -29.14 -28.98
C GLU A 96 -26.59 -28.56 -27.76
N PRO A 97 -27.92 -28.40 -27.81
CA PRO A 97 -28.58 -27.83 -26.62
C PRO A 97 -28.34 -28.66 -25.35
N LEU A 98 -28.23 -27.99 -24.21
CA LEU A 98 -27.85 -28.64 -22.95
C LEU A 98 -28.97 -29.54 -22.49
N THR A 99 -28.63 -30.77 -22.08
CA THR A 99 -29.63 -31.67 -21.51
C THR A 99 -29.16 -32.06 -20.12
N ARG A 100 -28.30 -31.22 -19.59
CA ARG A 100 -27.87 -31.40 -18.25
C ARG A 100 -27.68 -30.03 -17.67
N GLN A 101 -27.52 -30.09 -16.37
CA GLN A 101 -27.57 -28.94 -15.54
C GLN A 101 -26.61 -29.06 -14.36
N ALA A 102 -26.40 -27.93 -13.72
CA ALA A 102 -25.59 -27.88 -12.52
C ALA A 102 -26.33 -28.61 -11.42
N GLU A 103 -25.57 -29.18 -10.48
CA GLU A 103 -26.16 -29.74 -9.25
C GLU A 103 -26.75 -28.57 -8.41
N SER A 104 -27.66 -28.89 -7.49
CA SER A 104 -28.25 -27.80 -6.64
C SER A 104 -27.33 -27.28 -5.53
N THR A 105 -26.33 -28.08 -5.15
CA THR A 105 -25.39 -27.71 -4.10
C THR A 105 -24.36 -26.73 -4.65
N HIS A 106 -24.15 -25.64 -3.91
CA HIS A 106 -23.11 -24.67 -4.22
C HIS A 106 -21.76 -25.32 -4.13
N ALA A 107 -20.86 -24.94 -5.04
CA ALA A 107 -19.53 -25.56 -5.15
C ALA A 107 -18.72 -25.48 -3.85
N VAL A 108 -18.82 -24.35 -3.14
CA VAL A 108 -18.09 -24.17 -1.86
C VAL A 108 -18.58 -25.20 -0.84
N LYS A 109 -19.89 -25.37 -0.70
CA LYS A 109 -20.41 -26.40 0.22
C LYS A 109 -20.02 -27.83 -0.22
N TYR A 110 -20.09 -28.11 -1.51
CA TYR A 110 -19.65 -29.41 -2.03
C TYR A 110 -18.18 -29.70 -1.73
N ILE A 111 -17.32 -28.70 -1.90
CA ILE A 111 -15.88 -28.86 -1.61
C ILE A 111 -15.68 -29.16 -0.11
N ILE A 112 -16.32 -28.35 0.74
CA ILE A 112 -16.30 -28.56 2.19
C ILE A 112 -16.78 -29.98 2.54
N ASP A 113 -17.99 -30.33 2.13
CA ASP A 113 -18.61 -31.59 2.55
C ASP A 113 -17.81 -32.82 2.10
N THR A 114 -17.29 -32.76 0.88
CA THR A 114 -16.54 -33.88 0.30
C THR A 114 -15.20 -34.09 1.02
N LEU A 115 -14.50 -33.00 1.29
CA LEU A 115 -13.24 -33.08 2.03
C LEU A 115 -13.50 -33.59 3.45
N MET A 116 -14.49 -33.02 4.13
CA MET A 116 -14.77 -33.40 5.52
C MET A 116 -15.14 -34.86 5.66
N ALA A 117 -15.85 -35.40 4.67
CA ALA A 117 -16.28 -36.80 4.69
C ALA A 117 -15.23 -37.76 4.12
N SER A 118 -14.16 -37.22 3.56
CA SER A 118 -13.08 -38.04 2.95
C SER A 118 -12.09 -38.60 3.99
N ASP A 119 -11.17 -39.43 3.49
CA ASP A 119 -10.08 -39.99 4.28
C ASP A 119 -8.77 -39.27 4.00
N GLY A 120 -8.87 -37.99 3.64
CA GLY A 120 -7.70 -37.12 3.46
C GLY A 120 -6.87 -37.30 2.19
N ASP A 121 -7.39 -38.10 1.25
CA ASP A 121 -6.66 -38.49 0.05
C ASP A 121 -7.06 -37.74 -1.23
N ILE A 122 -7.83 -36.67 -1.10
CA ILE A 122 -8.28 -35.89 -2.28
C ILE A 122 -7.33 -34.70 -2.52
N THR A 123 -7.04 -34.46 -3.79
CA THR A 123 -6.24 -33.32 -4.24
C THR A 123 -7.14 -32.34 -4.94
N LEU A 124 -6.99 -31.06 -4.62
CA LEU A 124 -7.73 -29.99 -5.30
C LEU A 124 -6.88 -29.54 -6.47
N VAL A 125 -7.54 -29.29 -7.61
CA VAL A 125 -6.85 -28.83 -8.84
C VAL A 125 -7.53 -27.55 -9.37
N PRO A 126 -7.16 -26.41 -8.82
CA PRO A 126 -7.67 -25.12 -9.28
C PRO A 126 -6.91 -24.56 -10.47
N VAL A 127 -7.65 -24.29 -11.55
CA VAL A 127 -7.08 -23.78 -12.75
C VAL A 127 -7.86 -22.54 -13.24
N GLY A 128 -8.54 -21.86 -12.31
CA GLY A 128 -9.10 -20.52 -12.50
C GLY A 128 -8.67 -19.61 -11.33
N PRO A 129 -9.32 -18.46 -11.17
CA PRO A 129 -9.13 -17.71 -9.91
C PRO A 129 -9.44 -18.59 -8.66
N LEU A 130 -8.90 -18.23 -7.50
CA LEU A 130 -8.93 -19.12 -6.34
C LEU A 130 -10.10 -18.86 -5.38
N SER A 131 -11.07 -18.06 -5.82
CA SER A 131 -12.25 -17.66 -5.03
C SER A 131 -13.01 -18.82 -4.31
N ASN A 132 -13.33 -19.91 -5.03
CA ASN A 132 -14.04 -21.02 -4.40
C ASN A 132 -13.16 -21.61 -3.29
N ILE A 133 -11.86 -21.70 -3.57
CA ILE A 133 -10.94 -22.42 -2.67
C ILE A 133 -10.79 -21.61 -1.38
N ALA A 134 -10.60 -20.29 -1.54
CA ALA A 134 -10.43 -19.41 -0.39
C ALA A 134 -11.68 -19.34 0.51
N VAL A 135 -12.86 -19.30 -0.10
CA VAL A 135 -14.08 -19.21 0.67
C VAL A 135 -14.32 -20.51 1.41
N ALA A 136 -14.05 -21.64 0.78
CA ALA A 136 -14.20 -22.92 1.45
C ALA A 136 -13.24 -23.02 2.66
N MET A 137 -12.00 -22.60 2.46
CA MET A 137 -10.96 -22.61 3.52
C MET A 137 -11.32 -21.77 4.73
N ARG A 138 -11.93 -20.61 4.51
CA ARG A 138 -12.26 -19.72 5.62
C ARG A 138 -13.63 -20.02 6.24
N MET A 139 -14.51 -20.64 5.47
CA MET A 139 -15.83 -21.02 5.95
C MET A 139 -15.73 -22.29 6.83
N GLN A 140 -14.81 -23.18 6.51
CA GLN A 140 -14.57 -24.39 7.29
C GLN A 140 -13.09 -24.69 7.24
N PRO A 141 -12.33 -24.07 8.18
CA PRO A 141 -10.90 -24.34 8.30
C PRO A 141 -10.54 -25.79 8.59
N ALA A 142 -11.49 -26.58 9.08
CA ALA A 142 -11.26 -28.03 9.30
C ALA A 142 -10.91 -28.80 8.02
N ILE A 143 -11.15 -28.21 6.83
CA ILE A 143 -10.79 -28.90 5.59
C ILE A 143 -9.30 -28.86 5.34
N LEU A 144 -8.56 -27.96 5.98
CA LEU A 144 -7.14 -27.81 5.65
C LEU A 144 -6.33 -29.13 5.80
N PRO A 145 -6.38 -29.80 6.96
CA PRO A 145 -5.64 -31.07 7.09
C PRO A 145 -6.19 -32.23 6.23
N LYS A 146 -7.43 -32.11 5.75
CA LYS A 146 -8.04 -33.10 4.85
C LYS A 146 -7.53 -33.05 3.42
N ILE A 147 -6.96 -31.92 3.01
CA ILE A 147 -6.46 -31.74 1.65
C ILE A 147 -5.06 -32.35 1.50
N ARG A 148 -4.94 -33.34 0.63
CA ARG A 148 -3.65 -34.00 0.39
C ARG A 148 -2.63 -33.06 -0.24
N GLU A 149 -3.06 -32.32 -1.25
CA GLU A 149 -2.21 -31.42 -2.02
C GLU A 149 -3.11 -30.52 -2.83
N ILE A 150 -2.58 -29.36 -3.23
CA ILE A 150 -3.24 -28.46 -4.18
C ILE A 150 -2.28 -28.27 -5.35
N VAL A 151 -2.70 -28.68 -6.54
CA VAL A 151 -1.90 -28.49 -7.76
C VAL A 151 -2.64 -27.49 -8.57
N LEU A 152 -2.12 -26.27 -8.64
CA LEU A 152 -2.84 -25.16 -9.26
C LEU A 152 -2.10 -24.57 -10.45
N MET A 153 -2.87 -24.11 -11.44
CA MET A 153 -2.32 -23.30 -12.53
C MET A 153 -2.53 -21.84 -12.14
N GLY A 154 -1.44 -21.10 -12.08
CA GLY A 154 -1.52 -19.72 -11.68
C GLY A 154 -0.15 -19.16 -11.36
N GLY A 155 -0.05 -17.82 -11.38
CA GLY A 155 1.19 -17.15 -11.04
C GLY A 155 2.32 -17.20 -12.05
N ALA A 156 3.41 -16.52 -11.71
CA ALA A 156 4.63 -16.53 -12.50
C ALA A 156 5.76 -16.05 -11.60
N TYR A 157 6.90 -16.72 -11.63
CA TYR A 157 8.07 -16.19 -10.89
C TYR A 157 8.80 -15.09 -11.67
N GLY A 158 8.58 -15.04 -12.99
CA GLY A 158 9.17 -14.01 -13.85
C GLY A 158 8.10 -13.06 -14.26
N THR A 159 7.87 -12.94 -15.57
CA THR A 159 6.89 -12.00 -16.12
C THR A 159 5.50 -12.61 -16.10
N GLY A 160 4.51 -11.81 -15.71
CA GLY A 160 3.11 -12.18 -15.77
C GLY A 160 2.56 -12.02 -17.18
N ASN A 161 1.23 -12.11 -17.31
CA ASN A 161 0.57 -11.90 -18.61
C ASN A 161 -0.36 -10.68 -18.56
N PHE A 162 -1.36 -10.74 -17.69
CA PHE A 162 -2.38 -9.70 -17.63
C PHE A 162 -1.76 -8.34 -17.26
N THR A 163 -0.75 -8.40 -16.39
CA THR A 163 0.10 -7.24 -16.10
C THR A 163 1.55 -7.77 -16.16
N PRO A 164 2.54 -6.88 -16.17
CA PRO A 164 3.94 -7.33 -16.09
C PRO A 164 4.25 -8.16 -14.83
N SER A 165 3.47 -7.95 -13.77
CA SER A 165 3.72 -8.53 -12.48
C SER A 165 2.89 -9.79 -12.19
N ALA A 166 1.71 -9.88 -12.80
CA ALA A 166 0.66 -10.80 -12.36
C ALA A 166 0.15 -11.64 -13.51
N GLU A 167 -0.14 -12.90 -13.17
CA GLU A 167 -0.82 -13.87 -14.00
C GLU A 167 -2.31 -13.70 -13.72
N PHE A 168 -3.13 -13.93 -14.76
CA PHE A 168 -4.57 -13.67 -14.71
C PHE A 168 -5.32 -14.30 -13.54
N ASN A 169 -5.15 -15.61 -13.34
CA ASN A 169 -5.86 -16.32 -12.25
C ASN A 169 -5.63 -15.65 -10.90
N ILE A 170 -4.39 -15.27 -10.63
CA ILE A 170 -4.05 -14.62 -9.34
C ILE A 170 -4.59 -13.18 -9.30
N PHE A 171 -4.31 -12.45 -10.39
CA PHE A 171 -4.79 -11.04 -10.55
C PHE A 171 -6.31 -10.89 -10.40
N ALA A 172 -7.04 -11.92 -10.81
CA ALA A 172 -8.50 -11.94 -10.72
C ALA A 172 -9.04 -11.98 -9.29
N ASP A 173 -8.24 -12.51 -8.37
CA ASP A 173 -8.63 -12.58 -6.97
C ASP A 173 -7.37 -12.76 -6.11
N PRO A 174 -6.61 -11.66 -5.90
CA PRO A 174 -5.37 -11.69 -5.14
C PRO A 174 -5.54 -12.02 -3.66
N GLU A 175 -6.64 -11.58 -3.06
CA GLU A 175 -6.92 -11.84 -1.67
C GLU A 175 -7.21 -13.33 -1.48
N ALA A 176 -7.97 -13.93 -2.40
CA ALA A 176 -8.21 -15.37 -2.37
C ALA A 176 -6.89 -16.15 -2.50
N ALA A 177 -6.01 -15.67 -3.36
CA ALA A 177 -4.71 -16.31 -3.57
C ALA A 177 -3.87 -16.26 -2.30
N ARG A 178 -3.92 -15.12 -1.62
CA ARG A 178 -3.21 -14.93 -0.33
C ARG A 178 -3.67 -15.97 0.69
N VAL A 179 -4.98 -16.23 0.74
CA VAL A 179 -5.53 -17.28 1.62
C VAL A 179 -4.92 -18.65 1.31
N VAL A 180 -4.96 -19.03 0.05
CA VAL A 180 -4.42 -20.33 -0.38
C VAL A 180 -2.92 -20.46 -0.09
N PHE A 181 -2.15 -19.43 -0.42
CA PHE A 181 -0.69 -19.49 -0.27
C PHE A 181 -0.20 -19.34 1.19
N THR A 182 -1.11 -18.98 2.10
CA THR A 182 -0.83 -18.94 3.53
C THR A 182 -1.60 -20.08 4.26
N SER A 183 -2.12 -21.06 3.51
CA SER A 183 -2.93 -22.13 4.10
C SER A 183 -2.13 -23.20 4.85
N GLY A 184 -0.86 -23.38 4.48
CA GLY A 184 -0.02 -24.45 5.04
C GLY A 184 -0.21 -25.81 4.36
N VAL A 185 -1.14 -25.92 3.40
CA VAL A 185 -1.38 -27.17 2.66
C VAL A 185 -0.27 -27.33 1.60
N PRO A 186 0.14 -28.59 1.29
CA PRO A 186 1.13 -28.78 0.22
C PRO A 186 0.64 -28.23 -1.11
N LEU A 187 1.43 -27.35 -1.71
CA LEU A 187 1.10 -26.62 -2.93
C LEU A 187 2.06 -26.98 -4.06
N VAL A 188 1.49 -27.12 -5.26
CA VAL A 188 2.28 -27.17 -6.48
C VAL A 188 1.79 -26.02 -7.40
N MET A 189 2.74 -25.23 -7.90
CA MET A 189 2.38 -24.07 -8.75
C MET A 189 2.88 -24.23 -10.17
N MET A 190 1.94 -24.46 -11.07
CA MET A 190 2.21 -24.46 -12.49
C MET A 190 2.03 -23.02 -12.97
N GLY A 191 3.13 -22.26 -12.91
CA GLY A 191 3.08 -20.85 -13.31
C GLY A 191 3.43 -20.65 -14.79
N LEU A 192 3.31 -19.41 -15.25
CA LEU A 192 3.54 -19.10 -16.66
C LEU A 192 4.92 -19.54 -17.15
N ASP A 193 5.90 -19.51 -16.24
CA ASP A 193 7.29 -19.79 -16.61
C ASP A 193 7.40 -21.23 -17.18
N LEU A 194 6.63 -22.14 -16.59
CA LEU A 194 6.52 -23.49 -17.12
C LEU A 194 5.43 -23.56 -18.24
N THR A 195 4.23 -23.06 -17.96
CA THR A 195 3.08 -23.33 -18.85
C THR A 195 3.23 -22.72 -20.27
N ASN A 196 3.96 -21.62 -20.37
CA ASN A 196 4.22 -20.97 -21.66
C ASN A 196 4.99 -21.88 -22.62
N GLN A 197 5.72 -22.86 -22.05
CA GLN A 197 6.49 -23.81 -22.86
C GLN A 197 5.51 -24.80 -23.60
N THR A 198 4.21 -24.78 -23.28
CA THR A 198 3.20 -25.69 -23.91
C THR A 198 2.34 -25.07 -25.03
N VAL A 199 2.90 -24.07 -25.71
CA VAL A 199 2.32 -23.49 -26.92
C VAL A 199 1.87 -24.53 -27.94
N CYS A 200 0.59 -24.47 -28.28
CA CYS A 200 -0.02 -25.45 -29.14
C CYS A 200 -0.04 -24.85 -30.52
N THR A 201 1.06 -25.06 -31.25
CA THR A 201 1.17 -24.61 -32.62
C THR A 201 0.28 -25.47 -33.53
N PRO A 202 0.07 -25.02 -34.79
CA PRO A 202 -0.76 -25.75 -35.78
C PRO A 202 -0.43 -27.24 -35.99
N ASP A 203 0.86 -27.59 -36.01
CA ASP A 203 1.29 -29.00 -36.19
C ASP A 203 0.78 -29.90 -35.05
N VAL A 204 0.69 -29.32 -33.85
CA VAL A 204 0.21 -30.03 -32.67
C VAL A 204 -1.28 -30.26 -32.79
N ILE A 205 -1.99 -29.23 -33.21
CA ILE A 205 -3.41 -29.39 -33.43
C ILE A 205 -3.71 -30.42 -34.52
N ALA A 206 -2.93 -30.41 -35.60
CA ALA A 206 -3.11 -31.37 -36.70
C ALA A 206 -2.86 -32.81 -36.22
N ARG A 207 -1.92 -32.98 -35.29
CA ARG A 207 -1.63 -34.27 -34.67
C ARG A 207 -2.86 -34.83 -33.97
N MET A 208 -3.54 -33.98 -33.20
CA MET A 208 -4.74 -34.39 -32.48
C MET A 208 -5.92 -34.57 -33.42
N GLU A 209 -6.00 -33.76 -34.47
CA GLU A 209 -6.99 -33.97 -35.56
C GLU A 209 -6.74 -35.32 -36.19
N ARG A 210 -5.47 -35.67 -36.42
CA ARG A 210 -5.16 -37.01 -36.93
C ARG A 210 -5.71 -38.11 -36.00
N ALA A 211 -5.51 -37.95 -34.68
CA ALA A 211 -6.03 -38.91 -33.68
C ALA A 211 -7.54 -39.04 -33.77
N GLY A 212 -8.22 -37.90 -33.90
CA GLY A 212 -9.64 -37.90 -34.17
C GLY A 212 -10.55 -38.25 -33.00
N GLY A 213 -11.79 -38.56 -33.36
CA GLY A 213 -12.84 -38.88 -32.41
C GLY A 213 -13.27 -37.58 -31.77
N PRO A 214 -14.25 -37.64 -30.86
CA PRO A 214 -14.77 -36.44 -30.23
C PRO A 214 -13.74 -35.57 -29.50
N ALA A 215 -12.71 -36.14 -28.85
CA ALA A 215 -11.79 -35.29 -28.12
C ALA A 215 -10.81 -34.60 -29.08
N GLY A 216 -10.52 -35.29 -30.19
CA GLY A 216 -9.61 -34.78 -31.23
C GLY A 216 -10.25 -33.60 -31.94
N GLU A 217 -11.48 -33.78 -32.43
CA GLU A 217 -12.22 -32.69 -33.08
C GLU A 217 -12.41 -31.49 -32.15
N LEU A 218 -12.76 -31.76 -30.89
CA LEU A 218 -12.97 -30.67 -29.92
C LEU A 218 -11.63 -29.96 -29.62
N PHE A 219 -10.54 -30.71 -29.48
CA PHE A 219 -9.21 -30.11 -29.24
C PHE A 219 -8.89 -29.07 -30.32
N SER A 220 -8.99 -29.50 -31.57
CA SER A 220 -8.85 -28.61 -32.71
C SER A 220 -9.84 -27.41 -32.68
N ASP A 221 -11.13 -27.66 -32.47
CA ASP A 221 -12.10 -26.55 -32.48
C ASP A 221 -11.80 -25.50 -31.40
N ILE A 222 -11.39 -25.97 -30.22
CA ILE A 222 -11.03 -25.10 -29.12
C ILE A 222 -9.70 -24.35 -29.33
N MET A 223 -8.63 -25.07 -29.63
CA MET A 223 -7.31 -24.46 -29.66
C MET A 223 -7.02 -23.58 -30.86
N ASN A 224 -7.79 -23.75 -31.93
CA ASN A 224 -7.65 -22.84 -33.07
C ASN A 224 -7.99 -21.40 -32.68
N PHE A 225 -8.95 -21.21 -31.77
CA PHE A 225 -9.32 -19.85 -31.32
C PHE A 225 -8.26 -19.07 -30.53
N THR A 226 -7.52 -19.73 -29.61
CA THR A 226 -6.53 -19.02 -28.79
C THR A 226 -5.23 -18.75 -29.53
N LEU A 227 -5.10 -19.34 -30.72
CA LEU A 227 -3.90 -19.15 -31.54
C LEU A 227 -3.73 -17.62 -31.82
N LYS A 228 -4.78 -17.01 -32.36
CA LYS A 228 -4.78 -15.59 -32.64
C LYS A 228 -4.68 -14.77 -31.37
N THR A 229 -5.53 -15.06 -30.39
CA THR A 229 -5.63 -14.20 -29.23
C THR A 229 -4.34 -14.22 -28.40
N GLN A 230 -3.72 -15.40 -28.28
CA GLN A 230 -2.47 -15.51 -27.50
C GLN A 230 -1.30 -14.81 -28.23
N PHE A 231 -1.26 -14.92 -29.56
CA PHE A 231 -0.26 -14.17 -30.34
C PHE A 231 -0.45 -12.67 -30.15
N GLU A 232 -1.65 -12.15 -30.46
CA GLU A 232 -1.88 -10.69 -30.45
C GLU A 232 -1.67 -10.06 -29.09
N ASN A 233 -2.07 -10.75 -28.03
CA ASN A 233 -1.93 -10.20 -26.69
C ASN A 233 -0.53 -10.37 -26.11
N TYR A 234 0.07 -11.52 -26.37
CA TYR A 234 1.29 -11.90 -25.64
C TYR A 234 2.47 -12.32 -26.50
N GLY A 235 2.32 -12.35 -27.82
CA GLY A 235 3.45 -12.72 -28.68
C GLY A 235 3.81 -14.21 -28.68
N LEU A 236 2.91 -15.03 -28.15
CA LEU A 236 3.07 -16.48 -28.12
C LEU A 236 2.85 -17.18 -29.51
N ALA A 237 3.75 -18.10 -29.85
CA ALA A 237 3.73 -18.90 -31.10
C ALA A 237 2.59 -19.95 -31.20
N GLY A 238 1.95 -20.23 -30.08
CA GLY A 238 0.73 -21.03 -30.09
C GLY A 238 -0.01 -20.72 -28.84
N GLY A 239 -1.26 -21.16 -28.73
CA GLY A 239 -1.99 -21.01 -27.48
C GLY A 239 -1.41 -22.06 -26.57
N PRO A 240 -0.59 -21.63 -25.56
CA PRO A 240 -0.15 -22.61 -24.58
C PRO A 240 -1.38 -23.30 -24.06
N VAL A 241 -1.19 -24.51 -23.53
CA VAL A 241 -2.26 -25.22 -22.86
C VAL A 241 -2.00 -25.27 -21.34
N HIS A 242 -2.27 -24.18 -20.64
CA HIS A 242 -1.72 -24.01 -19.29
C HIS A 242 -2.32 -25.02 -18.29
N ASP A 243 -3.65 -25.03 -18.21
CA ASP A 243 -4.35 -25.75 -17.16
C ASP A 243 -4.14 -27.28 -17.20
N ALA A 244 -3.92 -27.84 -18.39
CA ALA A 244 -3.74 -29.29 -18.55
C ALA A 244 -2.43 -29.80 -17.95
N THR A 245 -1.47 -28.91 -17.71
CA THR A 245 -0.17 -29.31 -17.12
C THR A 245 -0.34 -29.85 -15.71
N CYS A 246 -1.34 -29.34 -15.01
CA CYS A 246 -1.71 -29.83 -13.67
C CYS A 246 -2.16 -31.28 -13.68
N ILE A 247 -2.90 -31.65 -14.72
CA ILE A 247 -3.34 -33.03 -14.85
C ILE A 247 -2.13 -33.89 -15.20
N GLY A 248 -1.32 -33.41 -16.14
CA GLY A 248 -0.06 -34.08 -16.46
C GLY A 248 0.80 -34.34 -15.23
N TYR A 249 0.93 -33.33 -14.39
CA TYR A 249 1.74 -33.44 -13.17
C TYR A 249 1.26 -34.59 -12.28
N LEU A 250 -0.05 -34.75 -12.16
CA LEU A 250 -0.62 -35.83 -11.34
C LEU A 250 -0.46 -37.20 -11.98
N ILE A 251 -0.46 -37.26 -13.31
CA ILE A 251 -0.27 -38.54 -14.03
C ILE A 251 1.17 -39.03 -13.92
N ASN A 252 2.13 -38.13 -14.16
CA ASN A 252 3.52 -38.47 -13.96
C ASN A 252 4.35 -37.23 -13.66
N PRO A 253 4.67 -37.00 -12.37
CA PRO A 253 5.40 -35.80 -11.99
C PRO A 253 6.82 -35.74 -12.54
N ASP A 254 7.36 -36.88 -12.95
CA ASP A 254 8.73 -36.94 -13.47
C ASP A 254 8.85 -36.24 -14.82
N GLY A 255 7.73 -36.00 -15.49
CA GLY A 255 7.70 -35.21 -16.73
C GLY A 255 7.87 -33.71 -16.55
N ILE A 256 7.69 -33.22 -15.31
CA ILE A 256 7.84 -31.83 -14.94
C ILE A 256 8.96 -31.66 -13.86
N LYS A 257 9.89 -30.73 -14.09
CA LYS A 257 10.82 -30.29 -13.09
C LYS A 257 10.24 -29.15 -12.24
N THR A 258 10.28 -29.32 -10.92
CA THR A 258 9.89 -28.28 -9.98
C THR A 258 11.07 -27.88 -9.06
N GLN A 259 10.89 -26.74 -8.39
CA GLN A 259 11.83 -26.26 -7.39
C GLN A 259 11.03 -25.73 -6.21
N GLU A 260 11.38 -26.20 -5.02
CA GLU A 260 10.74 -25.74 -3.79
C GLU A 260 11.16 -24.32 -3.47
N MET A 261 10.18 -23.46 -3.18
CA MET A 261 10.41 -22.07 -2.91
C MET A 261 9.42 -21.56 -1.87
N TYR A 262 9.84 -20.51 -1.16
CA TYR A 262 8.91 -19.72 -0.38
C TYR A 262 8.22 -18.68 -1.30
N VAL A 263 6.90 -18.80 -1.42
CA VAL A 263 6.11 -17.95 -2.29
C VAL A 263 5.16 -17.10 -1.45
N GLU A 264 5.12 -15.80 -1.74
CA GLU A 264 4.21 -14.87 -1.08
C GLU A 264 3.38 -14.12 -2.14
N VAL A 265 2.08 -13.97 -1.87
CA VAL A 265 1.20 -13.22 -2.76
C VAL A 265 1.14 -11.75 -2.31
N ASP A 266 1.44 -10.85 -3.23
CA ASP A 266 1.34 -9.39 -2.98
C ASP A 266 -0.07 -8.87 -3.21
N VAL A 267 -0.70 -8.36 -2.14
CA VAL A 267 -2.07 -7.83 -2.21
C VAL A 267 -2.03 -6.30 -2.11
N ASN A 268 -0.84 -5.70 -2.30
CA ASN A 268 -0.74 -4.25 -2.37
C ASN A 268 -1.37 -3.75 -3.67
N SER A 269 -2.23 -2.75 -3.58
CA SER A 269 -2.65 -2.01 -4.76
C SER A 269 -1.40 -1.32 -5.35
N GLY A 270 -1.33 -1.23 -6.67
CA GLY A 270 -0.14 -0.73 -7.33
C GLY A 270 0.41 -1.73 -8.35
N PRO A 271 1.65 -1.51 -8.79
CA PRO A 271 2.20 -2.22 -9.95
C PRO A 271 2.48 -3.74 -9.77
N CYS A 272 2.37 -4.26 -8.55
CA CYS A 272 2.58 -5.71 -8.30
C CYS A 272 1.41 -6.40 -7.62
N TYR A 273 0.23 -5.76 -7.68
CA TYR A 273 -1.00 -6.36 -7.15
C TYR A 273 -1.25 -7.70 -7.86
N GLY A 274 -1.38 -8.76 -7.05
CA GLY A 274 -1.58 -10.12 -7.56
C GLY A 274 -0.32 -10.86 -8.01
N ARG A 275 0.84 -10.28 -7.75
CA ARG A 275 2.10 -10.96 -8.05
C ARG A 275 2.38 -12.10 -7.07
N THR A 276 2.83 -13.23 -7.63
CA THR A 276 3.44 -14.31 -6.84
C THR A 276 4.92 -14.04 -6.74
N VAL A 277 5.37 -13.63 -5.55
CA VAL A 277 6.77 -13.36 -5.28
C VAL A 277 7.45 -14.65 -4.83
N CYS A 278 8.35 -15.18 -5.66
CA CYS A 278 8.98 -16.48 -5.45
C CYS A 278 10.46 -16.35 -5.13
N ASP A 279 10.86 -16.88 -3.98
CA ASP A 279 12.23 -16.77 -3.50
C ASP A 279 13.09 -17.87 -4.07
N GLU A 280 13.39 -17.70 -5.36
CA GLU A 280 14.21 -18.59 -6.18
C GLU A 280 15.56 -18.96 -5.55
N LEU A 281 16.23 -17.98 -4.98
CA LEU A 281 17.57 -18.18 -4.47
C LEU A 281 17.63 -18.41 -2.97
N GLY A 282 16.47 -18.36 -2.31
CA GLY A 282 16.36 -18.57 -0.86
C GLY A 282 16.93 -17.47 0.02
N VAL A 283 16.95 -16.24 -0.48
CA VAL A 283 17.57 -15.14 0.27
C VAL A 283 16.80 -14.69 1.54
N LEU A 284 15.50 -15.01 1.66
CA LEU A 284 14.68 -14.61 2.83
C LEU A 284 14.86 -15.56 4.05
N GLY A 285 15.48 -16.72 3.85
CA GLY A 285 15.60 -17.75 4.89
C GLY A 285 14.27 -18.23 5.47
N LYS A 286 13.22 -18.29 4.65
CA LYS A 286 11.95 -18.86 5.11
C LYS A 286 11.72 -20.25 4.51
N PRO A 287 11.01 -21.12 5.24
CA PRO A 287 10.78 -22.43 4.66
C PRO A 287 9.90 -22.32 3.40
N ALA A 288 10.24 -23.14 2.41
CA ALA A 288 9.50 -23.23 1.16
C ALA A 288 8.06 -23.66 1.45
N ASN A 289 7.12 -23.17 0.67
CA ASN A 289 5.72 -23.57 0.85
C ASN A 289 5.05 -24.04 -0.45
N THR A 290 5.84 -24.13 -1.52
CA THR A 290 5.32 -24.35 -2.88
C THR A 290 6.38 -25.08 -3.71
N LYS A 291 5.96 -26.06 -4.47
CA LYS A 291 6.79 -26.65 -5.52
C LYS A 291 6.44 -25.89 -6.79
N VAL A 292 7.40 -25.10 -7.29
CA VAL A 292 7.21 -24.20 -8.42
C VAL A 292 7.73 -24.85 -9.69
N GLY A 293 6.90 -24.85 -10.74
CA GLY A 293 7.25 -25.49 -12.01
C GLY A 293 8.32 -24.70 -12.72
N ILE A 294 9.34 -25.41 -13.23
CA ILE A 294 10.48 -24.79 -13.92
C ILE A 294 10.45 -25.17 -15.41
N THR A 295 10.49 -26.46 -15.71
CA THR A 295 10.47 -26.95 -17.11
C THR A 295 9.58 -28.18 -17.27
N ILE A 296 9.05 -28.35 -18.49
CA ILE A 296 8.21 -29.50 -18.83
C ILE A 296 8.79 -30.22 -20.04
N ASP A 297 8.75 -31.57 -20.04
CA ASP A 297 9.15 -32.37 -21.18
C ASP A 297 7.94 -32.40 -22.15
N THR A 298 8.00 -31.58 -23.21
CA THR A 298 6.85 -31.44 -24.11
C THR A 298 6.63 -32.68 -25.00
N ASP A 299 7.67 -33.47 -25.27
CA ASP A 299 7.48 -34.76 -25.95
C ASP A 299 6.59 -35.69 -25.12
N TRP A 300 6.94 -35.80 -23.82
CA TRP A 300 6.14 -36.60 -22.89
C TRP A 300 4.72 -36.07 -22.87
N PHE A 301 4.60 -34.76 -22.73
CA PHE A 301 3.31 -34.14 -22.46
C PHE A 301 2.33 -34.28 -23.62
N TRP A 302 2.78 -34.00 -24.84
CA TRP A 302 1.93 -34.21 -26.02
C TRP A 302 1.54 -35.68 -26.26
N GLY A 303 2.44 -36.61 -25.92
CA GLY A 303 2.11 -38.04 -25.97
C GLY A 303 0.93 -38.36 -25.06
N LEU A 304 0.96 -37.77 -23.88
CA LEU A 304 -0.08 -37.94 -22.87
C LEU A 304 -1.42 -37.37 -23.36
N VAL A 305 -1.38 -36.17 -23.93
CA VAL A 305 -2.59 -35.55 -24.50
C VAL A 305 -3.23 -36.45 -25.57
N GLU A 306 -2.41 -37.01 -26.48
CA GLU A 306 -2.87 -37.94 -27.50
C GLU A 306 -3.48 -39.22 -26.89
N GLU A 307 -2.77 -39.81 -25.92
CA GLU A 307 -3.25 -40.94 -25.13
C GLU A 307 -4.69 -40.69 -24.63
N CYS A 308 -4.89 -39.54 -23.98
CA CYS A 308 -6.21 -39.17 -23.45
C CYS A 308 -7.21 -38.95 -24.58
N VAL A 309 -6.77 -38.27 -25.66
CA VAL A 309 -7.63 -38.00 -26.82
C VAL A 309 -8.10 -39.32 -27.44
N ARG A 310 -7.15 -40.25 -27.61
CA ARG A 310 -7.46 -41.54 -28.19
C ARG A 310 -8.38 -42.39 -27.33
N GLY A 311 -8.33 -42.14 -26.01
CA GLY A 311 -9.29 -42.70 -25.05
C GLY A 311 -10.73 -42.51 -25.42
N TYR A 312 -11.07 -41.38 -26.03
CA TYR A 312 -12.48 -41.12 -26.41
C TYR A 312 -12.93 -41.65 -27.78
N ILE A 313 -12.03 -42.26 -28.55
CA ILE A 313 -12.41 -42.83 -29.84
C ILE A 313 -13.35 -44.00 -29.63
N LYS A 314 -14.45 -44.04 -30.41
CA LYS A 314 -15.54 -44.99 -30.18
C LYS A 314 -15.32 -46.32 -30.90
N GLU B 5 -45.18 -1.13 8.76
CA GLU B 5 -44.93 -0.42 10.05
C GLU B 5 -43.67 -0.99 10.75
N LYS B 6 -43.71 -2.24 11.23
CA LYS B 6 -42.49 -2.90 11.78
C LYS B 6 -41.36 -2.98 10.77
N ARG B 7 -40.13 -2.66 11.17
CA ARG B 7 -38.96 -2.94 10.32
C ARG B 7 -38.45 -4.37 10.53
N LYS B 8 -38.50 -5.18 9.45
CA LYS B 8 -37.89 -6.51 9.45
C LYS B 8 -36.39 -6.42 9.45
N ILE B 9 -35.76 -7.19 10.33
CA ILE B 9 -34.30 -7.20 10.39
C ILE B 9 -33.71 -8.60 10.54
N ILE B 10 -32.45 -8.71 10.08
CA ILE B 10 -31.57 -9.83 10.41
C ILE B 10 -30.43 -9.22 11.19
N LEU B 11 -30.29 -9.66 12.45
CA LEU B 11 -29.24 -9.18 13.36
C LEU B 11 -28.01 -10.08 13.29
N ASP B 12 -26.93 -9.55 12.73
CA ASP B 12 -25.66 -10.29 12.59
C ASP B 12 -24.70 -9.77 13.65
N CYS B 13 -24.18 -10.66 14.48
CA CYS B 13 -23.48 -10.22 15.71
C CYS B 13 -22.46 -11.23 16.19
N ASP B 14 -21.62 -10.81 17.15
CA ASP B 14 -20.54 -11.63 17.68
C ASP B 14 -20.53 -11.57 19.21
N PRO B 15 -21.61 -12.07 19.85
CA PRO B 15 -21.82 -11.81 21.24
C PRO B 15 -20.71 -12.39 22.14
N GLY B 16 -20.10 -11.60 23.03
CA GLY B 16 -20.22 -10.15 23.05
C GLY B 16 -21.32 -9.64 23.96
N HIS B 17 -20.88 -9.06 25.09
N HIS B 17 -20.94 -8.98 25.06
CA HIS B 17 -21.71 -8.34 26.11
CA HIS B 17 -21.93 -8.50 26.01
C HIS B 17 -22.71 -7.35 25.48
C HIS B 17 -22.78 -7.33 25.48
N ASP B 18 -22.22 -6.42 24.66
CA ASP B 18 -23.14 -5.38 24.14
C ASP B 18 -23.98 -5.80 22.93
N ASP B 19 -23.56 -6.81 22.21
CA ASP B 19 -24.41 -7.53 21.25
C ASP B 19 -25.66 -8.10 21.94
N ALA B 20 -25.45 -8.59 23.14
CA ALA B 20 -26.51 -9.14 23.99
C ALA B 20 -27.58 -8.10 24.30
N ILE B 21 -27.18 -6.84 24.50
CA ILE B 21 -28.13 -5.75 24.76
C ILE B 21 -28.93 -5.45 23.49
N ALA B 22 -28.23 -5.48 22.36
CA ALA B 22 -28.85 -5.35 21.03
C ALA B 22 -29.90 -6.45 20.74
N ILE B 23 -29.56 -7.70 21.03
CA ILE B 23 -30.49 -8.83 20.87
C ILE B 23 -31.74 -8.59 21.72
N MET B 24 -31.52 -8.21 22.97
CA MET B 24 -32.61 -7.98 23.92
C MET B 24 -33.61 -6.94 23.43
N MET B 25 -33.09 -5.81 22.95
CA MET B 25 -33.93 -4.73 22.41
C MET B 25 -34.65 -5.18 21.14
N ALA B 26 -33.88 -5.75 20.20
CA ALA B 26 -34.39 -6.17 18.87
C ALA B 26 -35.50 -7.19 18.98
N ALA B 27 -35.37 -8.13 19.92
CA ALA B 27 -36.33 -9.24 20.06
C ALA B 27 -37.64 -8.83 20.75
N LYS B 28 -37.72 -7.61 21.29
CA LYS B 28 -38.86 -7.24 22.11
C LYS B 28 -39.69 -6.05 21.62
N HIS B 29 -39.05 -5.09 20.98
CA HIS B 29 -39.73 -3.85 20.67
C HIS B 29 -40.74 -4.05 19.53
N PRO B 30 -41.97 -3.52 19.69
CA PRO B 30 -43.00 -3.74 18.67
C PRO B 30 -42.71 -3.10 17.29
N ALA B 31 -41.76 -2.16 17.23
CA ALA B 31 -41.35 -1.52 16.00
C ALA B 31 -40.39 -2.37 15.17
N ILE B 32 -39.93 -3.49 15.71
CA ILE B 32 -38.92 -4.32 15.04
C ILE B 32 -39.47 -5.73 14.85
N ASP B 33 -39.25 -6.31 13.67
CA ASP B 33 -39.57 -7.70 13.41
C ASP B 33 -38.26 -8.46 13.20
N LEU B 34 -37.77 -9.08 14.27
CA LEU B 34 -36.50 -9.81 14.25
C LEU B 34 -36.69 -11.18 13.60
N LEU B 35 -36.23 -11.31 12.36
CA LEU B 35 -36.41 -12.54 11.60
C LEU B 35 -35.47 -13.66 12.02
N GLY B 36 -34.20 -13.30 12.22
CA GLY B 36 -33.21 -14.29 12.55
C GLY B 36 -31.97 -13.64 13.11
N ILE B 37 -31.17 -14.43 13.82
CA ILE B 37 -29.87 -13.95 14.32
C ILE B 37 -28.77 -14.77 13.69
N THR B 38 -27.77 -14.09 13.14
CA THR B 38 -26.66 -14.76 12.51
C THR B 38 -25.40 -14.41 13.30
N ILE B 39 -24.54 -15.41 13.51
CA ILE B 39 -23.39 -15.25 14.37
C ILE B 39 -22.16 -15.27 13.50
N VAL B 40 -21.20 -14.41 13.83
CA VAL B 40 -19.89 -14.36 13.20
C VAL B 40 -18.80 -14.38 14.28
N ALA B 41 -17.60 -14.88 13.95
CA ALA B 41 -16.43 -14.72 14.80
C ALA B 41 -16.08 -13.24 14.93
N GLY B 42 -15.60 -12.85 16.10
CA GLY B 42 -15.16 -11.47 16.33
C GLY B 42 -14.60 -11.28 17.72
N ASN B 43 -15.44 -10.80 18.64
CA ASN B 43 -15.07 -10.63 20.04
C ASN B 43 -14.30 -11.86 20.53
N GLN B 44 -14.82 -13.04 20.19
CA GLN B 44 -14.14 -14.31 20.42
C GLN B 44 -14.35 -15.18 19.17
N THR B 45 -13.73 -16.37 19.19
CA THR B 45 -13.90 -17.35 18.14
C THR B 45 -15.38 -17.79 18.06
N LEU B 46 -15.75 -18.35 16.91
CA LEU B 46 -17.16 -18.63 16.58
C LEU B 46 -17.81 -19.64 17.53
N ASP B 47 -17.05 -20.66 17.92
CA ASP B 47 -17.56 -21.62 18.89
C ASP B 47 -18.12 -20.93 20.14
N LYS B 48 -17.42 -19.87 20.57
CA LYS B 48 -17.80 -19.13 21.77
C LYS B 48 -18.90 -18.12 21.56
N THR B 49 -18.80 -17.33 20.50
CA THR B 49 -19.85 -16.33 20.23
C THR B 49 -21.21 -17.02 19.94
N LEU B 50 -21.16 -18.20 19.33
CA LEU B 50 -22.37 -18.99 19.09
C LEU B 50 -23.03 -19.39 20.39
N ILE B 51 -22.26 -20.04 21.26
CA ILE B 51 -22.71 -20.38 22.63
C ILE B 51 -23.23 -19.15 23.39
N ASN B 52 -22.51 -18.05 23.33
CA ASN B 52 -22.96 -16.78 23.96
C ASN B 52 -24.33 -16.32 23.45
N GLY B 53 -24.52 -16.31 22.13
CA GLY B 53 -25.80 -15.91 21.54
C GLY B 53 -26.95 -16.82 21.94
N LEU B 54 -26.70 -18.12 21.87
CA LEU B 54 -27.70 -19.13 22.29
C LEU B 54 -28.10 -19.01 23.76
N ASN B 55 -27.10 -18.70 24.60
CA ASN B 55 -27.31 -18.48 26.03
C ASN B 55 -28.23 -17.29 26.34
N VAL B 56 -28.02 -16.20 25.62
CA VAL B 56 -28.85 -14.99 25.76
C VAL B 56 -30.29 -15.32 25.38
N CYS B 57 -30.48 -15.94 24.21
CA CYS B 57 -31.83 -16.23 23.71
C CYS B 57 -32.55 -17.21 24.63
N GLN B 58 -31.82 -18.19 25.16
CA GLN B 58 -32.40 -19.13 26.09
C GLN B 58 -32.84 -18.45 27.37
N LYS B 59 -32.02 -17.57 27.91
CA LYS B 59 -32.35 -16.94 29.19
C LYS B 59 -33.52 -15.97 29.05
N LEU B 60 -33.56 -15.25 27.95
CA LEU B 60 -34.63 -14.28 27.73
C LEU B 60 -35.87 -14.90 27.05
N GLU B 61 -35.81 -16.20 26.77
CA GLU B 61 -36.87 -16.97 26.09
C GLU B 61 -37.22 -16.35 24.74
N ILE B 62 -36.19 -15.95 24.00
CA ILE B 62 -36.37 -15.38 22.68
C ILE B 62 -36.41 -16.52 21.69
N ASN B 63 -37.54 -16.67 21.01
CA ASN B 63 -37.75 -17.76 20.08
C ASN B 63 -37.54 -17.27 18.66
N VAL B 64 -36.27 -17.06 18.34
CA VAL B 64 -35.82 -16.63 17.01
C VAL B 64 -34.70 -17.59 16.60
N PRO B 65 -34.72 -18.09 15.36
CA PRO B 65 -33.63 -18.99 14.95
C PRO B 65 -32.24 -18.30 14.93
N VAL B 66 -31.22 -19.06 15.33
CA VAL B 66 -29.83 -18.59 15.38
C VAL B 66 -28.99 -19.46 14.47
N TYR B 67 -28.24 -18.82 13.57
CA TYR B 67 -27.45 -19.50 12.54
C TYR B 67 -25.98 -19.16 12.76
N ALA B 68 -25.12 -20.16 12.63
CA ALA B 68 -23.65 -19.99 12.72
C ALA B 68 -23.11 -19.62 11.33
N GLY B 69 -22.25 -18.59 11.26
CA GLY B 69 -21.62 -18.18 10.03
C GLY B 69 -20.11 -18.38 9.94
N MET B 70 -19.39 -17.32 9.62
CA MET B 70 -17.96 -17.40 9.34
C MET B 70 -17.12 -17.50 10.65
N PRO B 71 -16.30 -18.55 10.76
CA PRO B 71 -15.36 -18.66 11.90
C PRO B 71 -14.04 -17.89 11.68
N GLN B 72 -13.84 -17.32 10.48
CA GLN B 72 -12.63 -16.58 10.13
C GLN B 72 -12.96 -15.40 9.22
N PRO B 73 -12.11 -14.35 9.23
CA PRO B 73 -12.29 -13.27 8.29
C PRO B 73 -11.99 -13.78 6.89
N ILE B 74 -12.33 -13.01 5.86
CA ILE B 74 -12.20 -13.52 4.51
C ILE B 74 -10.74 -13.61 4.03
N MET B 75 -9.85 -12.77 4.55
CA MET B 75 -8.43 -12.81 4.10
C MET B 75 -7.37 -12.69 5.22
N ARG B 76 -7.56 -11.79 6.18
CA ARG B 76 -6.50 -11.49 7.15
C ARG B 76 -6.28 -12.60 8.17
N GLN B 77 -5.11 -12.57 8.79
CA GLN B 77 -4.83 -13.40 10.00
C GLN B 77 -5.82 -12.94 11.09
N GLN B 78 -6.61 -13.89 11.60
CA GLN B 78 -7.67 -13.59 12.58
C GLN B 78 -7.14 -12.92 13.84
N ILE B 79 -7.85 -11.89 14.29
CA ILE B 79 -7.63 -11.27 15.59
C ILE B 79 -8.91 -11.43 16.38
N VAL B 80 -8.80 -11.49 17.70
CA VAL B 80 -9.93 -11.37 18.62
C VAL B 80 -9.69 -10.15 19.52
N ALA B 81 -10.65 -9.87 20.41
CA ALA B 81 -10.53 -8.77 21.38
C ALA B 81 -9.96 -9.33 22.68
N ASP B 82 -9.12 -8.55 23.38
CA ASP B 82 -8.52 -8.92 24.69
C ASP B 82 -7.22 -9.74 24.54
N ASP B 87 -13.41 -14.83 29.81
CA ASP B 87 -13.08 -16.17 29.34
C ASP B 87 -14.08 -16.61 28.25
N THR B 88 -15.38 -16.53 28.56
CA THR B 88 -16.45 -16.79 27.56
C THR B 88 -16.54 -15.66 26.53
N GLY B 89 -16.54 -14.43 27.06
CA GLY B 89 -16.86 -13.23 26.28
C GLY B 89 -18.17 -12.61 26.72
N LEU B 90 -18.78 -13.21 27.75
CA LEU B 90 -20.06 -12.75 28.31
C LEU B 90 -20.24 -13.23 29.78
N ASP B 91 -19.20 -12.99 30.58
CA ASP B 91 -19.24 -13.34 32.01
C ASP B 91 -20.11 -12.29 32.71
N GLY B 92 -20.55 -12.61 33.91
CA GLY B 92 -21.38 -11.69 34.68
C GLY B 92 -22.73 -12.32 34.98
N PRO B 93 -23.60 -12.44 33.94
CA PRO B 93 -24.85 -13.13 34.16
C PRO B 93 -24.62 -14.62 34.40
N VAL B 94 -25.54 -15.24 35.13
CA VAL B 94 -25.48 -16.66 35.41
C VAL B 94 -26.37 -17.31 34.37
N PHE B 95 -25.84 -18.30 33.67
CA PHE B 95 -26.67 -19.06 32.74
C PHE B 95 -26.80 -20.49 33.23
N GLU B 96 -27.97 -21.07 32.96
CA GLU B 96 -28.22 -22.48 33.16
C GLU B 96 -27.59 -23.27 32.00
N PRO B 97 -27.49 -24.61 32.12
CA PRO B 97 -26.92 -25.38 31.00
C PRO B 97 -27.64 -25.15 29.66
N LEU B 98 -26.89 -25.02 28.59
CA LEU B 98 -27.45 -24.70 27.25
C LEU B 98 -28.19 -25.90 26.68
N THR B 99 -29.48 -25.74 26.44
CA THR B 99 -30.30 -26.76 25.76
C THR B 99 -30.66 -26.35 24.33
N ARG B 100 -30.38 -25.11 23.96
CA ARG B 100 -30.78 -24.64 22.64
C ARG B 100 -29.65 -24.80 21.61
N GLN B 101 -30.01 -25.02 20.34
CA GLN B 101 -28.99 -25.27 19.31
C GLN B 101 -29.17 -24.37 18.11
N ALA B 102 -28.07 -24.22 17.37
CA ALA B 102 -28.05 -23.51 16.12
C ALA B 102 -28.88 -24.32 15.12
N GLU B 103 -29.39 -23.62 14.11
CA GLU B 103 -29.98 -24.24 12.92
C GLU B 103 -28.87 -24.94 12.10
N SER B 104 -29.23 -25.88 11.24
CA SER B 104 -28.24 -26.57 10.39
C SER B 104 -27.71 -25.72 9.24
N THR B 105 -28.52 -24.75 8.79
CA THR B 105 -28.18 -23.92 7.65
C THR B 105 -27.11 -22.93 8.08
N HIS B 106 -26.05 -22.83 7.28
CA HIS B 106 -25.00 -21.84 7.47
C HIS B 106 -25.61 -20.44 7.34
N ALA B 107 -25.15 -19.51 8.16
CA ALA B 107 -25.69 -18.14 8.18
C ALA B 107 -25.64 -17.44 6.82
N VAL B 108 -24.54 -17.62 6.08
CA VAL B 108 -24.39 -16.98 4.76
C VAL B 108 -25.51 -17.44 3.82
N LYS B 109 -25.79 -18.76 3.79
CA LYS B 109 -26.85 -19.28 2.94
C LYS B 109 -28.23 -18.79 3.40
N TYR B 110 -28.43 -18.73 4.71
CA TYR B 110 -29.68 -18.21 5.27
C TYR B 110 -29.89 -16.73 4.87
N ILE B 111 -28.84 -15.93 4.93
CA ILE B 111 -28.94 -14.51 4.56
C ILE B 111 -29.30 -14.42 3.07
N ILE B 112 -28.57 -15.14 2.23
CA ILE B 112 -28.83 -15.18 0.78
C ILE B 112 -30.28 -15.61 0.49
N ASP B 113 -30.68 -16.76 1.03
CA ASP B 113 -32.00 -17.31 0.73
C ASP B 113 -33.11 -16.37 1.16
N THR B 114 -32.98 -15.80 2.36
CA THR B 114 -34.05 -14.98 2.95
C THR B 114 -34.24 -13.69 2.14
N LEU B 115 -33.13 -13.05 1.78
CA LEU B 115 -33.16 -11.86 0.93
C LEU B 115 -33.74 -12.17 -0.46
N MET B 116 -33.29 -13.25 -1.08
CA MET B 116 -33.76 -13.59 -2.43
C MET B 116 -35.26 -13.87 -2.47
N ALA B 117 -35.80 -14.50 -1.42
CA ALA B 117 -37.24 -14.80 -1.35
C ALA B 117 -38.08 -13.63 -0.82
N SER B 118 -37.42 -12.57 -0.37
CA SER B 118 -38.13 -11.43 0.24
C SER B 118 -38.68 -10.46 -0.80
N ASP B 119 -39.45 -9.48 -0.31
CA ASP B 119 -39.99 -8.40 -1.13
C ASP B 119 -39.14 -7.13 -0.98
N GLY B 120 -37.87 -7.31 -0.65
CA GLY B 120 -36.92 -6.19 -0.59
C GLY B 120 -37.03 -5.24 0.60
N ASP B 121 -37.78 -5.66 1.62
CA ASP B 121 -38.07 -4.81 2.76
C ASP B 121 -37.24 -5.15 4.02
N ILE B 122 -36.23 -6.00 3.90
CA ILE B 122 -35.46 -6.45 5.05
C ILE B 122 -34.19 -5.60 5.18
N THR B 123 -33.88 -5.21 6.42
CA THR B 123 -32.67 -4.47 6.75
C THR B 123 -31.69 -5.41 7.46
N LEU B 124 -30.42 -5.36 7.07
CA LEU B 124 -29.36 -6.11 7.77
C LEU B 124 -28.77 -5.22 8.82
N VAL B 125 -28.51 -5.80 10.00
CA VAL B 125 -27.97 -5.06 11.16
C VAL B 125 -26.75 -5.78 11.70
N PRO B 126 -25.57 -5.50 11.10
CA PRO B 126 -24.29 -6.05 11.51
C PRO B 126 -23.64 -5.29 12.65
N VAL B 127 -23.36 -5.99 13.75
CA VAL B 127 -22.75 -5.36 14.89
C VAL B 127 -21.52 -6.15 15.34
N GLY B 128 -20.99 -6.95 14.43
CA GLY B 128 -19.67 -7.58 14.59
C GLY B 128 -18.85 -7.28 13.34
N PRO B 129 -17.73 -8.03 13.15
CA PRO B 129 -17.03 -7.98 11.87
C PRO B 129 -17.95 -8.33 10.70
N LEU B 130 -17.64 -7.85 9.49
CA LEU B 130 -18.60 -7.89 8.35
C LEU B 130 -18.43 -9.11 7.42
N SER B 131 -17.70 -10.11 7.91
CA SER B 131 -17.39 -11.34 7.17
C SER B 131 -18.62 -12.07 6.56
N ASN B 132 -19.68 -12.27 7.34
CA ASN B 132 -20.87 -12.95 6.83
C ASN B 132 -21.49 -12.13 5.70
N ILE B 133 -21.49 -10.82 5.89
CA ILE B 133 -22.17 -9.91 4.99
C ILE B 133 -21.43 -9.91 3.67
N ALA B 134 -20.11 -9.76 3.74
CA ALA B 134 -19.28 -9.73 2.53
C ALA B 134 -19.31 -11.04 1.71
N VAL B 135 -19.30 -12.17 2.39
CA VAL B 135 -19.31 -13.44 1.71
C VAL B 135 -20.69 -13.64 1.04
N ALA B 136 -21.77 -13.26 1.71
CA ALA B 136 -23.10 -13.37 1.12
C ALA B 136 -23.24 -12.48 -0.14
N MET B 137 -22.72 -11.26 -0.05
CA MET B 137 -22.70 -10.30 -1.17
C MET B 137 -21.94 -10.78 -2.41
N ARG B 138 -20.83 -11.46 -2.21
CA ARG B 138 -20.00 -11.91 -3.34
C ARG B 138 -20.40 -13.30 -3.84
N MET B 139 -21.04 -14.07 -2.97
CA MET B 139 -21.51 -15.38 -3.34
C MET B 139 -22.82 -15.27 -4.18
N GLN B 140 -23.64 -14.27 -3.89
CA GLN B 140 -24.86 -14.02 -4.62
C GLN B 140 -25.09 -12.55 -4.65
N PRO B 141 -24.47 -11.87 -5.64
CA PRO B 141 -24.64 -10.43 -5.83
C PRO B 141 -26.10 -9.99 -6.15
N ALA B 142 -26.99 -10.92 -6.50
CA ALA B 142 -28.43 -10.61 -6.65
C ALA B 142 -29.12 -10.15 -5.36
N ILE B 143 -28.49 -10.35 -4.19
CA ILE B 143 -29.06 -9.85 -2.94
C ILE B 143 -28.96 -8.33 -2.80
N LEU B 144 -28.03 -7.72 -3.52
CA LEU B 144 -27.74 -6.30 -3.30
C LEU B 144 -28.98 -5.39 -3.42
N PRO B 145 -29.75 -5.48 -4.53
CA PRO B 145 -30.98 -4.69 -4.64
C PRO B 145 -32.11 -5.08 -3.68
N LYS B 146 -32.07 -6.30 -3.14
CA LYS B 146 -33.09 -6.78 -2.19
C LYS B 146 -32.86 -6.24 -0.76
N ILE B 147 -31.66 -5.73 -0.45
CA ILE B 147 -31.39 -5.18 0.89
C ILE B 147 -31.90 -3.73 0.98
N ARG B 148 -32.85 -3.50 1.89
CA ARG B 148 -33.43 -2.16 2.06
C ARG B 148 -32.38 -1.15 2.57
N GLU B 149 -31.64 -1.56 3.59
CA GLU B 149 -30.64 -0.72 4.23
C GLU B 149 -29.72 -1.63 5.02
N ILE B 150 -28.54 -1.13 5.34
CA ILE B 150 -27.63 -1.78 6.30
C ILE B 150 -27.31 -0.76 7.38
N VAL B 151 -27.69 -1.09 8.61
CA VAL B 151 -27.41 -0.23 9.79
C VAL B 151 -26.38 -0.95 10.65
N LEU B 152 -25.14 -0.52 10.58
CA LEU B 152 -24.06 -1.27 11.18
C LEU B 152 -23.38 -0.50 12.28
N MET B 153 -22.92 -1.23 13.29
CA MET B 153 -22.02 -0.67 14.32
C MET B 153 -20.61 -0.99 13.92
N GLY B 154 -19.83 0.05 13.68
CA GLY B 154 -18.45 -0.11 13.22
C GLY B 154 -17.87 1.21 12.78
N GLY B 155 -16.54 1.27 12.73
CA GLY B 155 -15.82 2.41 12.24
C GLY B 155 -15.75 3.57 13.21
N ALA B 156 -15.04 4.62 12.75
CA ALA B 156 -14.89 5.84 13.49
C ALA B 156 -14.40 6.90 12.51
N TYR B 157 -14.98 8.09 12.49
CA TYR B 157 -14.43 9.16 11.65
C TYR B 157 -13.23 9.84 12.31
N GLY B 158 -13.15 9.72 13.63
CA GLY B 158 -12.04 10.29 14.38
C GLY B 158 -11.12 9.17 14.86
N THR B 159 -10.95 9.06 16.17
CA THR B 159 -10.06 8.06 16.71
C THR B 159 -10.73 6.70 16.84
N GLY B 160 -9.99 5.66 16.49
CA GLY B 160 -10.46 4.29 16.66
C GLY B 160 -10.24 3.78 18.09
N ASN B 161 -10.44 2.48 18.28
CA ASN B 161 -10.21 1.89 19.62
C ASN B 161 -9.06 0.87 19.60
N PHE B 162 -9.17 -0.14 18.74
CA PHE B 162 -8.18 -1.22 18.70
C PHE B 162 -6.83 -0.74 18.19
N THR B 163 -6.86 0.24 17.28
CA THR B 163 -5.69 1.00 16.90
C THR B 163 -6.13 2.47 16.93
N PRO B 164 -5.18 3.42 16.79
CA PRO B 164 -5.57 4.82 16.63
C PRO B 164 -6.47 5.08 15.41
N SER B 165 -6.33 4.24 14.38
CA SER B 165 -6.97 4.44 13.10
C SER B 165 -8.25 3.66 12.90
N ALA B 166 -8.39 2.53 13.62
CA ALA B 166 -9.43 1.55 13.29
C ALA B 166 -10.25 1.14 14.49
N GLU B 167 -11.53 0.94 14.23
CA GLU B 167 -12.49 0.38 15.18
C GLU B 167 -12.47 -1.15 15.01
N PHE B 168 -12.67 -1.87 16.10
CA PHE B 168 -12.46 -3.34 16.14
C PHE B 168 -13.20 -4.12 15.03
N ASN B 169 -14.50 -3.89 14.88
CA ASN B 169 -15.29 -4.62 13.88
C ASN B 169 -14.72 -4.52 12.48
N ILE B 170 -14.31 -3.32 12.10
CA ILE B 170 -13.67 -3.10 10.78
C ILE B 170 -12.29 -3.73 10.71
N PHE B 171 -11.47 -3.41 11.71
CA PHE B 171 -10.09 -3.98 11.81
C PHE B 171 -10.04 -5.53 11.76
N ALA B 172 -11.06 -6.17 12.33
CA ALA B 172 -11.16 -7.64 12.33
C ALA B 172 -11.32 -8.27 10.94
N ASP B 173 -11.87 -7.50 9.98
CA ASP B 173 -11.99 -7.95 8.60
C ASP B 173 -12.14 -6.75 7.65
N PRO B 174 -11.02 -6.08 7.36
CA PRO B 174 -11.02 -4.87 6.54
C PRO B 174 -11.47 -5.11 5.09
N GLU B 175 -11.12 -6.26 4.56
CA GLU B 175 -11.45 -6.61 3.19
C GLU B 175 -12.96 -6.86 3.09
N ALA B 176 -13.54 -7.52 4.10
CA ALA B 176 -15.01 -7.67 4.15
C ALA B 176 -15.71 -6.30 4.25
N ALA B 177 -15.13 -5.38 5.03
CA ALA B 177 -15.71 -4.04 5.17
C ALA B 177 -15.68 -3.29 3.85
N ARG B 178 -14.57 -3.43 3.12
CA ARG B 178 -14.41 -2.82 1.78
C ARG B 178 -15.52 -3.27 0.85
N VAL B 179 -15.86 -4.56 0.89
CA VAL B 179 -16.99 -5.09 0.12
C VAL B 179 -18.31 -4.39 0.46
N VAL B 180 -18.60 -4.27 1.75
CA VAL B 180 -19.85 -3.65 2.19
C VAL B 180 -19.92 -2.18 1.81
N PHE B 181 -18.82 -1.47 2.03
CA PHE B 181 -18.80 -0.02 1.79
C PHE B 181 -18.67 0.36 0.30
N THR B 182 -18.39 -0.62 -0.56
CA THR B 182 -18.45 -0.45 -2.00
C THR B 182 -19.68 -1.17 -2.64
N SER B 183 -20.64 -1.59 -1.83
CA SER B 183 -21.78 -2.38 -2.32
C SER B 183 -22.84 -1.56 -3.08
N GLY B 184 -22.94 -0.27 -2.78
CA GLY B 184 -24.00 0.57 -3.32
C GLY B 184 -25.32 0.52 -2.56
N VAL B 185 -25.41 -0.34 -1.54
CA VAL B 185 -26.62 -0.44 -0.70
C VAL B 185 -26.67 0.77 0.27
N PRO B 186 -27.87 1.27 0.62
CA PRO B 186 -27.96 2.35 1.62
C PRO B 186 -27.35 1.93 2.96
N LEU B 187 -26.38 2.71 3.44
CA LEU B 187 -25.63 2.39 4.64
C LEU B 187 -25.84 3.41 5.73
N VAL B 188 -25.94 2.92 6.98
CA VAL B 188 -25.91 3.79 8.15
C VAL B 188 -24.83 3.29 9.08
N MET B 189 -23.94 4.20 9.50
CA MET B 189 -22.77 3.82 10.29
C MET B 189 -22.84 4.44 11.68
N MET B 190 -23.07 3.58 12.65
CA MET B 190 -22.97 3.95 14.04
C MET B 190 -21.53 3.71 14.49
N GLY B 191 -20.69 4.73 14.31
CA GLY B 191 -19.26 4.61 14.62
C GLY B 191 -18.94 5.00 16.05
N LEU B 192 -17.69 4.82 16.46
CA LEU B 192 -17.30 5.15 17.83
C LEU B 192 -17.61 6.59 18.26
N ASP B 193 -17.59 7.50 17.29
CA ASP B 193 -17.81 8.94 17.56
C ASP B 193 -19.17 9.16 18.19
N LEU B 194 -20.15 8.42 17.69
CA LEU B 194 -21.48 8.41 18.28
C LEU B 194 -21.59 7.44 19.48
N THR B 195 -21.19 6.20 19.28
CA THR B 195 -21.45 5.18 20.34
C THR B 195 -20.75 5.49 21.69
N ASN B 196 -19.59 6.14 21.63
CA ASN B 196 -18.86 6.46 22.86
C ASN B 196 -19.61 7.44 23.74
N GLN B 197 -20.60 8.11 23.19
CA GLN B 197 -21.45 9.01 23.96
C GLN B 197 -22.57 8.32 24.69
N THR B 198 -22.89 7.12 24.28
CA THR B 198 -24.08 6.53 24.84
C THR B 198 -23.58 5.81 26.07
N VAL B 199 -23.37 6.61 27.13
CA VAL B 199 -22.69 6.22 28.37
C VAL B 199 -23.67 5.65 29.42
N CYS B 200 -23.45 4.39 29.78
CA CYS B 200 -24.21 3.74 30.83
C CYS B 200 -23.60 4.08 32.19
N THR B 201 -24.34 4.89 32.96
CA THR B 201 -23.97 5.28 34.33
C THR B 201 -24.62 4.39 35.40
N PRO B 202 -24.11 4.46 36.64
CA PRO B 202 -24.79 3.74 37.74
C PRO B 202 -26.31 4.03 37.84
N ASP B 203 -26.72 5.26 37.53
CA ASP B 203 -28.13 5.59 37.55
C ASP B 203 -28.90 4.86 36.45
N VAL B 204 -28.30 4.72 35.27
CA VAL B 204 -28.95 4.00 34.19
C VAL B 204 -29.20 2.55 34.67
N ILE B 205 -28.17 1.93 35.25
CA ILE B 205 -28.25 0.53 35.73
C ILE B 205 -29.31 0.36 36.82
N ALA B 206 -29.27 1.24 37.82
CA ALA B 206 -30.24 1.21 38.90
C ALA B 206 -31.67 1.25 38.33
N ARG B 207 -31.84 2.08 37.33
CA ARG B 207 -33.10 2.25 36.65
C ARG B 207 -33.59 0.95 36.02
N MET B 208 -32.69 0.24 35.31
CA MET B 208 -33.02 -1.07 34.74
C MET B 208 -33.23 -2.16 35.81
N GLU B 209 -32.45 -2.13 36.90
CA GLU B 209 -32.60 -3.07 38.04
C GLU B 209 -34.00 -2.94 38.63
N ARG B 210 -34.45 -1.70 38.79
CA ARG B 210 -35.80 -1.41 39.31
C ARG B 210 -36.92 -1.95 38.41
N ALA B 211 -36.80 -1.73 37.10
CA ALA B 211 -37.76 -2.29 36.15
C ALA B 211 -37.79 -3.80 36.32
N GLY B 212 -36.61 -4.41 36.35
CA GLY B 212 -36.50 -5.81 36.71
C GLY B 212 -36.90 -6.76 35.60
N GLY B 213 -37.26 -7.98 35.99
CA GLY B 213 -37.52 -9.05 35.02
C GLY B 213 -36.23 -9.59 34.38
N PRO B 214 -36.37 -10.53 33.45
CA PRO B 214 -35.22 -11.16 32.80
C PRO B 214 -34.30 -10.22 32.03
N ALA B 215 -34.88 -9.26 31.32
CA ALA B 215 -34.12 -8.29 30.56
C ALA B 215 -33.39 -7.27 31.48
N GLY B 216 -34.05 -6.87 32.56
CA GLY B 216 -33.48 -5.95 33.52
C GLY B 216 -32.33 -6.55 34.32
N GLU B 217 -32.50 -7.80 34.75
CA GLU B 217 -31.45 -8.54 35.44
C GLU B 217 -30.26 -8.79 34.53
N LEU B 218 -30.51 -9.14 33.26
CA LEU B 218 -29.41 -9.39 32.31
C LEU B 218 -28.59 -8.13 32.05
N PHE B 219 -29.26 -7.04 31.72
CA PHE B 219 -28.60 -5.76 31.47
C PHE B 219 -27.70 -5.40 32.66
N SER B 220 -28.30 -5.43 33.83
CA SER B 220 -27.61 -5.10 35.08
C SER B 220 -26.41 -6.02 35.33
N ASP B 221 -26.63 -7.33 35.22
CA ASP B 221 -25.57 -8.31 35.42
C ASP B 221 -24.40 -8.09 34.46
N ILE B 222 -24.71 -7.75 33.21
CA ILE B 222 -23.67 -7.47 32.21
C ILE B 222 -22.89 -6.20 32.58
N MET B 223 -23.60 -5.13 32.91
CA MET B 223 -22.98 -3.82 33.03
C MET B 223 -22.33 -3.61 34.41
N ASN B 224 -22.86 -4.29 35.42
CA ASN B 224 -22.24 -4.26 36.76
C ASN B 224 -20.88 -4.96 36.77
N PHE B 225 -20.75 -6.03 36.00
CA PHE B 225 -19.49 -6.75 35.85
C PHE B 225 -18.53 -5.89 35.04
N THR B 226 -19.04 -5.48 33.89
CA THR B 226 -18.26 -4.76 32.87
C THR B 226 -17.74 -3.42 33.36
N LEU B 227 -18.60 -2.64 34.02
CA LEU B 227 -18.19 -1.32 34.55
C LEU B 227 -17.68 -1.37 35.99
N LYS B 228 -17.56 -2.58 36.56
CA LYS B 228 -17.05 -2.75 37.93
C LYS B 228 -17.68 -1.74 38.89
N THR B 229 -19.00 -1.80 39.02
CA THR B 229 -19.78 -0.70 39.63
C THR B 229 -19.81 -0.69 41.14
N GLN B 230 -19.27 -1.72 41.79
CA GLN B 230 -18.80 -1.44 43.13
C GLN B 230 -17.41 -0.90 42.88
N PHE B 231 -17.23 0.39 43.18
CA PHE B 231 -15.97 1.15 43.09
C PHE B 231 -16.15 2.69 42.81
N GLU B 232 -15.58 3.22 41.72
CA GLU B 232 -15.14 4.65 41.68
C GLU B 232 -16.24 5.69 41.46
N ALA B 237 -17.68 7.52 35.53
CA ALA B 237 -17.90 6.30 36.32
C ALA B 237 -18.59 5.17 35.55
N GLY B 238 -18.89 5.37 34.26
CA GLY B 238 -19.54 4.35 33.40
C GLY B 238 -18.79 4.09 32.10
N GLY B 239 -19.48 3.59 31.07
CA GLY B 239 -18.89 3.30 29.74
C GLY B 239 -19.98 3.01 28.71
N PRO B 240 -19.61 2.66 27.42
CA PRO B 240 -20.63 2.58 26.33
C PRO B 240 -21.34 1.30 26.06
N VAL B 241 -22.54 1.43 25.45
CA VAL B 241 -23.28 0.35 24.78
C VAL B 241 -23.30 0.72 23.29
N HIS B 242 -22.50 0.06 22.48
CA HIS B 242 -22.37 0.45 21.06
C HIS B 242 -23.42 -0.13 20.16
N ASP B 243 -23.50 -1.45 20.14
CA ASP B 243 -24.29 -2.19 19.17
C ASP B 243 -25.80 -1.90 19.24
N ALA B 244 -26.30 -1.60 20.45
CA ALA B 244 -27.73 -1.38 20.68
C ALA B 244 -28.24 -0.08 20.04
N THR B 245 -27.34 0.85 19.72
CA THR B 245 -27.70 2.14 19.09
C THR B 245 -28.32 1.88 17.71
N CYS B 246 -27.88 0.82 17.04
CA CYS B 246 -28.43 0.42 15.75
C CYS B 246 -29.90 0.08 15.84
N ILE B 247 -30.26 -0.61 16.92
CA ILE B 247 -31.65 -0.94 17.18
C ILE B 247 -32.44 0.33 17.47
N GLY B 248 -31.86 1.16 18.33
CA GLY B 248 -32.45 2.45 18.60
C GLY B 248 -32.73 3.28 17.35
N TYR B 249 -31.75 3.33 16.44
CA TYR B 249 -31.89 4.05 15.18
C TYR B 249 -33.10 3.59 14.34
N LEU B 250 -33.33 2.28 14.33
CA LEU B 250 -34.48 1.72 13.61
C LEU B 250 -35.80 2.00 14.29
N ILE B 251 -35.81 2.05 15.62
CA ILE B 251 -37.04 2.36 16.34
C ILE B 251 -37.42 3.84 16.16
N ASN B 252 -36.47 4.74 16.32
CA ASN B 252 -36.75 6.17 16.05
C ASN B 252 -35.50 6.90 15.64
N PRO B 253 -35.31 7.09 14.32
CA PRO B 253 -34.07 7.73 13.82
C PRO B 253 -33.90 9.19 14.25
N ASP B 254 -34.99 9.83 14.66
CA ASP B 254 -34.94 11.22 15.12
C ASP B 254 -34.13 11.36 16.41
N GLY B 255 -33.93 10.27 17.15
CA GLY B 255 -33.12 10.30 18.35
C GLY B 255 -31.62 10.38 18.10
N ILE B 256 -31.21 10.06 16.86
CA ILE B 256 -29.81 10.09 16.44
C ILE B 256 -29.60 11.10 15.26
N LYS B 257 -28.67 12.04 15.42
CA LYS B 257 -28.27 12.92 14.32
C LYS B 257 -27.21 12.25 13.46
N THR B 258 -27.46 12.17 12.14
CA THR B 258 -26.49 11.64 11.18
C THR B 258 -26.06 12.71 10.16
N GLN B 259 -24.96 12.45 9.48
CA GLN B 259 -24.48 13.29 8.40
C GLN B 259 -24.07 12.38 7.26
N GLU B 260 -24.58 12.64 6.07
CA GLU B 260 -24.24 11.91 4.87
C GLU B 260 -22.81 12.23 4.47
N MET B 261 -22.02 11.19 4.23
CA MET B 261 -20.63 11.35 3.84
C MET B 261 -20.23 10.27 2.84
N TYR B 262 -19.21 10.58 2.04
CA TYR B 262 -18.51 9.54 1.27
C TYR B 262 -17.49 8.89 2.21
N VAL B 263 -17.63 7.57 2.38
CA VAL B 263 -16.78 6.77 3.25
C VAL B 263 -16.06 5.70 2.43
N GLU B 264 -14.76 5.59 2.66
CA GLU B 264 -13.92 4.59 2.01
C GLU B 264 -13.20 3.80 3.10
N VAL B 265 -13.06 2.49 2.89
CA VAL B 265 -12.32 1.63 3.80
C VAL B 265 -10.89 1.40 3.31
N ASP B 266 -9.90 1.69 4.15
CA ASP B 266 -8.48 1.56 3.82
C ASP B 266 -8.05 0.11 4.12
N VAL B 267 -7.62 -0.61 3.08
CA VAL B 267 -7.16 -1.98 3.21
C VAL B 267 -5.65 -2.05 3.01
N ASN B 268 -4.96 -0.91 3.09
CA ASN B 268 -3.50 -0.90 3.10
C ASN B 268 -2.97 -1.47 4.42
N SER B 269 -2.00 -2.37 4.34
CA SER B 269 -1.25 -2.74 5.52
C SER B 269 -0.47 -1.51 5.96
N GLY B 270 -0.31 -1.33 7.28
CA GLY B 270 0.32 -0.13 7.84
C GLY B 270 -0.61 0.53 8.82
N PRO B 271 -0.32 1.80 9.18
CA PRO B 271 -0.93 2.46 10.36
C PRO B 271 -2.42 2.82 10.23
N CYS B 272 -2.99 2.68 9.04
CA CYS B 272 -4.43 2.94 8.84
C CYS B 272 -5.20 1.73 8.30
N TYR B 273 -4.64 0.53 8.43
CA TYR B 273 -5.34 -0.69 8.03
C TYR B 273 -6.68 -0.80 8.78
N GLY B 274 -7.77 -0.96 8.03
CA GLY B 274 -9.11 -1.04 8.60
C GLY B 274 -9.75 0.27 9.02
N ARG B 275 -9.12 1.41 8.70
CA ARG B 275 -9.73 2.72 8.93
C ARG B 275 -10.93 2.98 8.02
N THR B 276 -12.00 3.56 8.59
CA THR B 276 -13.07 4.17 7.82
C THR B 276 -12.74 5.66 7.60
N VAL B 277 -12.41 6.00 6.35
CA VAL B 277 -12.05 7.36 5.95
C VAL B 277 -13.33 8.10 5.53
N CYS B 278 -13.74 9.06 6.36
CA CYS B 278 -15.00 9.74 6.20
C CYS B 278 -14.80 11.20 5.76
N ASP B 279 -15.35 11.52 4.59
CA ASP B 279 -15.24 12.89 4.01
C ASP B 279 -16.27 13.85 4.60
N GLU B 280 -15.98 14.21 5.84
CA GLU B 280 -16.77 15.12 6.65
C GLU B 280 -17.13 16.42 5.96
N LEU B 281 -16.13 17.02 5.30
CA LEU B 281 -16.28 18.34 4.72
C LEU B 281 -16.60 18.29 3.21
N GLY B 282 -16.63 17.09 2.64
CA GLY B 282 -16.94 16.91 1.22
C GLY B 282 -15.89 17.35 0.21
N VAL B 283 -14.63 17.32 0.58
CA VAL B 283 -13.56 17.83 -0.29
C VAL B 283 -13.26 16.92 -1.50
N LEU B 284 -13.61 15.64 -1.44
CA LEU B 284 -13.32 14.73 -2.55
C LEU B 284 -14.32 14.85 -3.72
N GLY B 285 -15.42 15.56 -3.50
CA GLY B 285 -16.45 15.73 -4.51
C GLY B 285 -17.12 14.45 -4.96
N LYS B 286 -17.18 13.46 -4.07
CA LYS B 286 -17.81 12.20 -4.43
C LYS B 286 -19.16 12.07 -3.75
N PRO B 287 -20.10 11.38 -4.40
CA PRO B 287 -21.39 11.28 -3.74
C PRO B 287 -21.32 10.43 -2.45
N ALA B 288 -22.03 10.91 -1.42
CA ALA B 288 -22.08 10.25 -0.12
C ALA B 288 -22.65 8.85 -0.25
N ASN B 289 -22.13 7.92 0.52
CA ASN B 289 -22.59 6.53 0.45
C ASN B 289 -23.05 5.98 1.80
N THR B 290 -23.00 6.84 2.83
CA THR B 290 -23.17 6.41 4.24
C THR B 290 -23.79 7.53 5.04
N LYS B 291 -24.77 7.22 5.86
CA LYS B 291 -25.24 8.16 6.89
C LYS B 291 -24.45 7.89 8.19
N VAL B 292 -23.60 8.83 8.55
CA VAL B 292 -22.65 8.64 9.64
C VAL B 292 -23.24 9.27 10.91
N GLY B 293 -23.23 8.50 12.00
CA GLY B 293 -23.74 8.99 13.26
C GLY B 293 -22.87 10.06 13.87
N ILE B 294 -23.50 11.13 14.35
CA ILE B 294 -22.78 12.28 14.94
C ILE B 294 -23.09 12.42 16.44
N THR B 295 -24.38 12.54 16.79
CA THR B 295 -24.77 12.66 18.19
C THR B 295 -26.05 11.86 18.49
N ILE B 296 -26.19 11.46 19.75
CA ILE B 296 -27.34 10.69 20.22
C ILE B 296 -27.99 11.41 21.43
N ASP B 297 -29.31 11.38 21.47
CA ASP B 297 -30.05 11.85 22.63
C ASP B 297 -30.11 10.71 23.68
N THR B 298 -29.26 10.80 24.69
CA THR B 298 -29.12 9.70 25.65
C THR B 298 -30.37 9.57 26.54
N ASP B 299 -31.05 10.68 26.83
CA ASP B 299 -32.31 10.62 27.57
C ASP B 299 -33.34 9.76 26.82
N TRP B 300 -33.48 10.02 25.53
CA TRP B 300 -34.36 9.23 24.67
C TRP B 300 -33.91 7.76 24.65
N PHE B 301 -32.62 7.54 24.50
CA PHE B 301 -32.08 6.19 24.33
C PHE B 301 -32.28 5.33 25.58
N TRP B 302 -31.91 5.85 26.75
CA TRP B 302 -32.07 5.08 27.98
C TRP B 302 -33.54 4.76 28.28
N GLY B 303 -34.42 5.70 27.94
CA GLY B 303 -35.86 5.49 28.05
C GLY B 303 -36.31 4.30 27.20
N LEU B 304 -35.73 4.21 26.01
CA LEU B 304 -36.02 3.11 25.11
C LEU B 304 -35.54 1.74 25.64
N VAL B 305 -34.32 1.72 26.18
CA VAL B 305 -33.77 0.53 26.83
C VAL B 305 -34.68 0.02 27.96
N GLU B 306 -35.14 0.94 28.82
CA GLU B 306 -36.01 0.58 29.94
C GLU B 306 -37.34 0.03 29.43
N GLU B 307 -37.88 0.69 28.43
CA GLU B 307 -39.06 0.21 27.70
C GLU B 307 -38.92 -1.24 27.23
N CYS B 308 -37.80 -1.54 26.57
CA CYS B 308 -37.56 -2.91 26.08
C CYS B 308 -37.41 -3.90 27.21
N VAL B 309 -36.70 -3.49 28.24
CA VAL B 309 -36.57 -4.27 29.45
C VAL B 309 -37.98 -4.65 29.91
N ARG B 310 -38.88 -3.66 30.00
CA ARG B 310 -40.19 -3.89 30.59
C ARG B 310 -41.02 -4.87 29.78
N GLY B 311 -40.77 -4.91 28.47
CA GLY B 311 -41.45 -5.84 27.57
C GLY B 311 -41.28 -7.33 27.89
N TYR B 312 -40.29 -7.68 28.72
CA TYR B 312 -40.03 -9.06 29.11
C TYR B 312 -40.68 -9.39 30.43
N ILE B 313 -41.24 -8.40 31.11
CA ILE B 313 -41.85 -8.62 32.41
C ILE B 313 -43.13 -9.41 32.24
N LYS B 314 -43.17 -10.57 32.89
CA LYS B 314 -44.31 -11.50 32.78
C LYS B 314 -45.58 -10.93 33.41
N LYS C 6 34.59 11.63 -27.61
CA LYS C 6 34.52 11.23 -26.17
C LYS C 6 33.17 11.52 -25.51
N ARG C 7 32.62 10.55 -24.79
CA ARG C 7 31.47 10.81 -23.94
C ARG C 7 31.89 11.35 -22.56
N LYS C 8 31.46 12.57 -22.24
CA LYS C 8 31.67 13.15 -20.92
C LYS C 8 30.76 12.47 -19.90
N ILE C 9 31.33 12.08 -18.76
CA ILE C 9 30.53 11.46 -17.72
C ILE C 9 30.88 11.97 -16.32
N ILE C 10 29.88 11.84 -15.44
CA ILE C 10 30.06 11.93 -13.99
C ILE C 10 29.69 10.54 -13.44
N LEU C 11 30.68 9.90 -12.81
CA LEU C 11 30.52 8.57 -12.27
C LEU C 11 30.16 8.67 -10.80
N ASP C 12 28.92 8.27 -10.48
CA ASP C 12 28.39 8.30 -9.12
C ASP C 12 28.40 6.86 -8.62
N CYS C 13 29.02 6.62 -7.48
CA CYS C 13 29.29 5.24 -7.05
C CYS C 13 29.48 5.10 -5.53
N ASP C 14 29.45 3.84 -5.07
CA ASP C 14 29.54 3.53 -3.65
C ASP C 14 30.61 2.44 -3.42
N PRO C 15 31.88 2.77 -3.71
CA PRO C 15 32.88 1.73 -3.77
C PRO C 15 33.09 0.97 -2.41
N GLY C 16 33.00 -0.35 -2.40
CA GLY C 16 32.57 -1.15 -3.53
C GLY C 16 33.64 -1.74 -4.45
N HIS C 17 33.74 -3.06 -4.39
CA HIS C 17 34.66 -3.86 -5.21
C HIS C 17 34.49 -3.64 -6.72
N ASP C 18 33.27 -3.79 -7.24
CA ASP C 18 33.11 -3.64 -8.69
C ASP C 18 32.93 -2.18 -9.15
N ASP C 19 32.53 -1.27 -8.27
CA ASP C 19 32.65 0.17 -8.51
C ASP C 19 34.10 0.56 -8.86
N ALA C 20 35.03 -0.07 -8.16
CA ALA C 20 36.46 0.15 -8.39
C ALA C 20 36.90 -0.24 -9.80
N ILE C 21 36.32 -1.32 -10.33
CA ILE C 21 36.60 -1.74 -11.71
C ILE C 21 36.04 -0.71 -12.69
N ALA C 22 34.87 -0.18 -12.37
CA ALA C 22 34.23 0.88 -13.15
C ALA C 22 35.10 2.13 -13.20
N ILE C 23 35.61 2.55 -12.05
CA ILE C 23 36.47 3.73 -11.97
C ILE C 23 37.71 3.53 -12.85
N MET C 24 38.30 2.34 -12.74
CA MET C 24 39.49 2.01 -13.46
C MET C 24 39.29 2.11 -14.98
N MET C 25 38.18 1.56 -15.48
CA MET C 25 37.85 1.65 -16.92
C MET C 25 37.54 3.08 -17.35
N ALA C 26 36.69 3.74 -16.57
CA ALA C 26 36.22 5.11 -16.88
C ALA C 26 37.34 6.12 -16.96
N ALA C 27 38.32 5.97 -16.08
CA ALA C 27 39.42 6.93 -15.95
C ALA C 27 40.50 6.77 -17.00
N LYS C 28 40.45 5.70 -17.79
CA LYS C 28 41.53 5.38 -18.71
C LYS C 28 41.17 5.34 -20.21
N HIS C 29 39.96 4.90 -20.53
CA HIS C 29 39.64 4.66 -21.94
C HIS C 29 39.51 5.98 -22.72
N PRO C 30 40.10 6.03 -23.93
CA PRO C 30 40.05 7.27 -24.70
C PRO C 30 38.66 7.69 -25.20
N ALA C 31 37.69 6.78 -25.16
CA ALA C 31 36.31 7.09 -25.55
C ALA C 31 35.53 7.77 -24.43
N ILE C 32 36.11 7.88 -23.24
CA ILE C 32 35.38 8.41 -22.08
C ILE C 32 36.11 9.62 -21.51
N ASP C 33 35.37 10.67 -21.17
CA ASP C 33 35.94 11.86 -20.51
C ASP C 33 35.34 11.90 -19.10
N LEU C 34 36.08 11.35 -18.14
CA LEU C 34 35.62 11.30 -16.75
C LEU C 34 35.83 12.65 -16.08
N LEU C 35 34.76 13.42 -15.92
CA LEU C 35 34.83 14.77 -15.36
C LEU C 35 35.05 14.75 -13.85
N GLY C 36 34.31 13.88 -13.17
CA GLY C 36 34.36 13.84 -11.72
C GLY C 36 33.78 12.55 -11.20
N ILE C 37 34.14 12.19 -9.97
CA ILE C 37 33.52 11.06 -9.30
C ILE C 37 32.79 11.57 -8.07
N THR C 38 31.54 11.14 -7.92
CA THR C 38 30.73 11.50 -6.77
C THR C 38 30.47 10.22 -5.99
N ILE C 39 30.45 10.33 -4.67
CA ILE C 39 30.32 9.17 -3.80
C ILE C 39 29.01 9.26 -3.06
N VAL C 40 28.37 8.10 -2.90
CA VAL C 40 27.14 7.97 -2.14
C VAL C 40 27.31 6.81 -1.15
N ALA C 41 26.55 6.85 -0.05
CA ALA C 41 26.38 5.70 0.83
C ALA C 41 25.68 4.56 0.09
N GLY C 42 26.09 3.34 0.36
CA GLY C 42 25.43 2.18 -0.21
C GLY C 42 26.01 0.89 0.32
N ASN C 43 26.97 0.33 -0.43
CA ASN C 43 27.67 -0.88 -0.02
C ASN C 43 28.09 -0.80 1.44
N GLN C 44 28.61 0.37 1.81
CA GLN C 44 28.89 0.69 3.19
C GLN C 44 28.47 2.13 3.44
N THR C 45 28.61 2.59 4.69
CA THR C 45 28.36 3.97 5.05
C THR C 45 29.29 4.91 4.27
N LEU C 46 28.89 6.18 4.14
CA LEU C 46 29.60 7.14 3.29
C LEU C 46 31.06 7.37 3.70
N ASP C 47 31.33 7.44 5.00
CA ASP C 47 32.73 7.55 5.47
C ASP C 47 33.64 6.52 4.78
N LYS C 48 33.13 5.29 4.67
CA LYS C 48 33.89 4.17 4.13
C LYS C 48 33.95 4.15 2.61
N THR C 49 32.82 4.37 1.95
CA THR C 49 32.82 4.40 0.48
C THR C 49 33.69 5.55 -0.06
N LEU C 50 33.71 6.68 0.65
CA LEU C 50 34.57 7.80 0.29
C LEU C 50 36.05 7.40 0.36
N ILE C 51 36.48 6.89 1.52
CA ILE C 51 37.83 6.38 1.69
C ILE C 51 38.18 5.35 0.60
N ASN C 52 37.26 4.42 0.35
CA ASN C 52 37.46 3.40 -0.70
C ASN C 52 37.72 4.01 -2.07
N GLY C 53 36.89 4.97 -2.45
CA GLY C 53 37.04 5.66 -3.74
C GLY C 53 38.38 6.40 -3.85
N LEU C 54 38.72 7.17 -2.81
CA LEU C 54 39.99 7.89 -2.76
C LEU C 54 41.19 6.95 -2.84
N ASN C 55 41.09 5.81 -2.16
CA ASN C 55 42.13 4.78 -2.19
C ASN C 55 42.39 4.22 -3.60
N VAL C 56 41.34 3.94 -4.35
CA VAL C 56 41.45 3.47 -5.72
C VAL C 56 42.11 4.54 -6.59
N CYS C 57 41.63 5.77 -6.53
CA CYS C 57 42.21 6.85 -7.33
C CYS C 57 43.68 7.09 -6.99
N GLN C 58 44.02 7.01 -5.71
CA GLN C 58 45.40 7.20 -5.32
C GLN C 58 46.31 6.11 -5.85
N LYS C 59 45.86 4.87 -5.78
CA LYS C 59 46.70 3.76 -6.20
C LYS C 59 46.87 3.72 -7.70
N LEU C 60 45.82 4.08 -8.44
CA LEU C 60 45.88 4.09 -9.89
C LEU C 60 46.39 5.42 -10.45
N GLU C 61 46.72 6.37 -9.58
CA GLU C 61 47.11 7.73 -9.96
C GLU C 61 46.10 8.43 -10.87
N ILE C 62 44.82 8.28 -10.54
CA ILE C 62 43.76 8.92 -11.30
C ILE C 62 43.57 10.30 -10.71
N ASN C 63 43.80 11.32 -11.55
CA ASN C 63 43.68 12.72 -11.14
C ASN C 63 42.35 13.27 -11.60
N VAL C 64 41.30 12.87 -10.90
CA VAL C 64 39.94 13.33 -11.13
C VAL C 64 39.43 13.75 -9.75
N PRO C 65 38.72 14.89 -9.67
CA PRO C 65 38.18 15.28 -8.36
C PRO C 65 37.12 14.32 -7.87
N VAL C 66 37.10 14.07 -6.56
CA VAL C 66 36.12 13.16 -5.90
C VAL C 66 35.31 14.00 -4.89
N TYR C 67 33.99 13.90 -4.98
CA TYR C 67 33.07 14.65 -4.13
C TYR C 67 32.25 13.68 -3.26
N ALA C 68 32.08 14.04 -1.98
CA ALA C 68 31.23 13.30 -1.04
C ALA C 68 29.80 13.77 -1.16
N GLY C 69 28.85 12.82 -1.27
CA GLY C 69 27.43 13.14 -1.38
C GLY C 69 26.59 12.70 -0.19
N MET C 70 25.47 12.03 -0.46
CA MET C 70 24.49 11.72 0.57
C MET C 70 24.94 10.53 1.44
N PRO C 71 24.98 10.73 2.78
CA PRO C 71 25.29 9.64 3.71
C PRO C 71 24.10 8.77 4.07
N GLN C 72 22.90 9.15 3.61
CA GLN C 72 21.67 8.40 3.89
C GLN C 72 20.75 8.46 2.69
N PRO C 73 19.81 7.49 2.60
CA PRO C 73 18.78 7.57 1.57
C PRO C 73 17.79 8.71 1.89
N ILE C 74 16.97 9.06 0.93
CA ILE C 74 16.14 10.25 1.10
C ILE C 74 14.97 10.06 2.10
N MET C 75 14.54 8.81 2.33
CA MET C 75 13.40 8.53 3.22
C MET C 75 13.53 7.26 4.06
N ARG C 76 13.97 6.15 3.47
CA ARG C 76 13.94 4.87 4.19
C ARG C 76 15.05 4.77 5.23
N GLN C 77 14.88 3.82 6.13
CA GLN C 77 15.93 3.41 7.04
C GLN C 77 17.07 2.76 6.26
N GLN C 78 18.27 3.30 6.49
CA GLN C 78 19.48 2.89 5.81
C GLN C 78 19.75 1.40 5.96
N ILE C 79 20.09 0.77 4.84
CA ILE C 79 20.64 -0.56 4.81
C ILE C 79 22.03 -0.50 4.17
N VAL C 80 22.90 -1.42 4.55
CA VAL C 80 24.18 -1.62 3.86
C VAL C 80 24.15 -3.05 3.27
N ALA C 81 25.16 -3.37 2.45
CA ALA C 81 25.48 -4.75 2.09
C ALA C 81 26.80 -5.12 2.76
N ASP C 82 26.85 -6.28 3.41
CA ASP C 82 28.12 -6.87 3.88
C ASP C 82 27.95 -8.37 4.12
N THR C 88 35.38 -3.19 5.39
CA THR C 88 35.71 -1.88 4.81
C THR C 88 34.76 -1.59 3.65
N GLY C 89 34.26 -2.65 3.02
CA GLY C 89 33.41 -2.53 1.82
C GLY C 89 34.18 -2.69 0.52
N LEU C 90 35.46 -3.09 0.62
CA LEU C 90 36.37 -3.30 -0.53
C LEU C 90 37.61 -4.12 -0.09
N ASP C 91 37.34 -5.21 0.59
CA ASP C 91 38.39 -6.16 1.02
C ASP C 91 39.11 -6.82 -0.21
N GLY C 92 40.43 -6.98 -0.16
CA GLY C 92 41.18 -7.70 -1.21
C GLY C 92 42.57 -7.14 -1.52
N PRO C 93 42.63 -5.93 -2.13
CA PRO C 93 43.89 -5.20 -2.30
C PRO C 93 44.30 -4.53 -0.99
N VAL C 94 45.59 -4.31 -0.84
CA VAL C 94 46.12 -3.62 0.34
C VAL C 94 46.59 -2.26 -0.12
N PHE C 95 46.04 -1.21 0.50
CA PHE C 95 46.37 0.15 0.13
C PHE C 95 47.41 0.72 1.10
N GLU C 96 48.22 1.66 0.62
CA GLU C 96 49.11 2.45 1.49
C GLU C 96 48.24 3.42 2.29
N PRO C 97 48.84 4.16 3.27
CA PRO C 97 48.07 5.24 3.91
C PRO C 97 47.51 6.28 2.92
N LEU C 98 46.27 6.70 3.17
CA LEU C 98 45.53 7.59 2.29
C LEU C 98 45.92 9.07 2.41
N THR C 99 46.35 9.65 1.29
CA THR C 99 46.75 11.05 1.23
C THR C 99 45.86 11.92 0.33
N ARG C 100 45.01 11.31 -0.49
CA ARG C 100 44.08 12.05 -1.36
C ARG C 100 42.84 12.46 -0.58
N GLN C 101 42.33 13.70 -0.74
CA GLN C 101 41.13 14.13 0.00
C GLN C 101 39.99 14.45 -0.95
N ALA C 102 38.79 14.47 -0.41
CA ALA C 102 37.60 14.87 -1.13
C ALA C 102 37.69 16.40 -1.35
N GLU C 103 37.02 16.89 -2.38
CA GLU C 103 36.79 18.32 -2.57
C GLU C 103 35.84 18.81 -1.46
N SER C 104 35.78 20.12 -1.25
CA SER C 104 34.88 20.71 -0.24
C SER C 104 33.41 20.76 -0.66
N THR C 105 33.16 20.81 -1.97
CA THR C 105 31.82 20.94 -2.49
C THR C 105 31.09 19.62 -2.35
N HIS C 106 29.87 19.69 -1.84
CA HIS C 106 29.00 18.52 -1.74
C HIS C 106 28.68 18.00 -3.14
N ALA C 107 28.64 16.69 -3.31
CA ALA C 107 28.42 16.07 -4.61
C ALA C 107 27.11 16.53 -5.30
N VAL C 108 26.04 16.71 -4.53
CA VAL C 108 24.76 17.16 -5.09
C VAL C 108 24.92 18.55 -5.74
N LYS C 109 25.58 19.47 -5.04
CA LYS C 109 25.82 20.80 -5.57
C LYS C 109 26.73 20.73 -6.80
N TYR C 110 27.79 19.92 -6.74
CA TYR C 110 28.70 19.74 -7.88
C TYR C 110 27.93 19.19 -9.12
N ILE C 111 27.04 18.23 -8.90
CA ILE C 111 26.26 17.67 -10.01
C ILE C 111 25.38 18.76 -10.63
N ILE C 112 24.66 19.48 -9.78
CA ILE C 112 23.79 20.59 -10.22
C ILE C 112 24.59 21.64 -11.01
N ASP C 113 25.67 22.14 -10.41
CA ASP C 113 26.45 23.23 -11.00
C ASP C 113 27.04 22.81 -12.35
N THR C 114 27.60 21.60 -12.40
CA THR C 114 28.29 21.13 -13.60
C THR C 114 27.30 20.95 -14.76
N LEU C 115 26.14 20.38 -14.48
CA LEU C 115 25.08 20.24 -15.48
C LEU C 115 24.57 21.60 -15.94
N MET C 116 24.28 22.50 -15.00
CA MET C 116 23.73 23.83 -15.35
C MET C 116 24.67 24.67 -16.21
N ALA C 117 25.97 24.55 -15.98
CA ALA C 117 26.98 25.27 -16.75
C ALA C 117 27.41 24.54 -18.03
N SER C 118 26.91 23.32 -18.25
CA SER C 118 27.27 22.51 -19.42
C SER C 118 26.46 22.87 -20.65
N ASP C 119 26.86 22.27 -21.78
CA ASP C 119 26.15 22.40 -23.05
C ASP C 119 25.24 21.21 -23.31
N GLY C 120 24.82 20.53 -22.25
CA GLY C 120 23.85 19.43 -22.32
C GLY C 120 24.38 18.09 -22.81
N ASP C 121 25.70 17.96 -22.88
CA ASP C 121 26.36 16.76 -23.43
C ASP C 121 26.92 15.76 -22.40
N ILE C 122 26.61 15.95 -21.12
CA ILE C 122 27.15 15.10 -20.05
C ILE C 122 26.16 13.99 -19.72
N THR C 123 26.70 12.79 -19.51
CA THR C 123 25.93 11.62 -19.11
C THR C 123 26.23 11.27 -17.65
N LEU C 124 25.19 11.01 -16.86
CA LEU C 124 25.38 10.55 -15.48
C LEU C 124 25.47 9.03 -15.48
N VAL C 125 26.41 8.49 -14.70
CA VAL C 125 26.61 7.04 -14.61
C VAL C 125 26.56 6.61 -13.13
N PRO C 126 25.33 6.41 -12.62
CA PRO C 126 25.10 5.94 -11.25
C PRO C 126 25.20 4.43 -11.13
N VAL C 127 26.10 3.97 -10.26
CA VAL C 127 26.31 2.55 -10.02
C VAL C 127 26.23 2.19 -8.53
N GLY C 128 25.57 3.07 -7.78
CA GLY C 128 25.19 2.84 -6.38
C GLY C 128 23.73 3.19 -6.22
N PRO C 129 23.25 3.31 -4.97
CA PRO C 129 21.90 3.85 -4.75
C PRO C 129 21.76 5.25 -5.38
N LEU C 130 20.54 5.65 -5.73
CA LEU C 130 20.30 6.83 -6.58
C LEU C 130 20.07 8.13 -5.80
N SER C 131 20.38 8.11 -4.51
CA SER C 131 20.20 9.23 -3.57
C SER C 131 20.77 10.58 -4.04
N ASN C 132 22.04 10.60 -4.47
CA ASN C 132 22.61 11.86 -4.98
C ASN C 132 21.81 12.37 -6.20
N ILE C 133 21.40 11.44 -7.06
CA ILE C 133 20.78 11.80 -8.34
C ILE C 133 19.40 12.39 -8.07
N ALA C 134 18.65 11.72 -7.21
CA ALA C 134 17.29 12.16 -6.86
C ALA C 134 17.27 13.54 -6.19
N VAL C 135 18.19 13.76 -5.27
CA VAL C 135 18.22 15.02 -4.53
C VAL C 135 18.58 16.15 -5.50
N ALA C 136 19.56 15.92 -6.37
CA ALA C 136 19.97 16.94 -7.34
C ALA C 136 18.82 17.28 -8.29
N MET C 137 18.07 16.26 -8.70
CA MET C 137 16.89 16.45 -9.57
C MET C 137 15.76 17.26 -8.94
N ARG C 138 15.54 17.08 -7.64
CA ARG C 138 14.44 17.80 -6.97
C ARG C 138 14.88 19.16 -6.44
N MET C 139 16.18 19.29 -6.19
CA MET C 139 16.73 20.53 -5.67
C MET C 139 16.86 21.58 -6.80
N GLN C 140 17.15 21.11 -8.01
CA GLN C 140 17.21 21.97 -9.18
C GLN C 140 16.71 21.18 -10.37
N PRO C 141 15.39 21.20 -10.57
CA PRO C 141 14.76 20.53 -11.71
C PRO C 141 15.21 21.05 -13.08
N ALA C 142 15.83 22.22 -13.14
CA ALA C 142 16.41 22.74 -14.38
C ALA C 142 17.57 21.87 -14.95
N ILE C 143 18.13 20.94 -14.15
CA ILE C 143 19.15 20.02 -14.67
C ILE C 143 18.56 18.98 -15.63
N LEU C 144 17.26 18.72 -15.53
CA LEU C 144 16.69 17.60 -16.26
C LEU C 144 16.99 17.63 -17.79
N PRO C 145 16.65 18.74 -18.47
CA PRO C 145 16.96 18.85 -19.91
C PRO C 145 18.44 18.94 -20.26
N LYS C 146 19.29 19.26 -19.28
CA LYS C 146 20.74 19.32 -19.43
C LYS C 146 21.42 17.94 -19.38
N ILE C 147 20.73 16.91 -18.92
CA ILE C 147 21.30 15.55 -18.86
C ILE C 147 21.09 14.83 -20.20
N ARG C 148 22.18 14.42 -20.84
CA ARG C 148 22.10 13.73 -22.12
C ARG C 148 21.46 12.35 -22.00
N GLU C 149 21.91 11.60 -21.01
CA GLU C 149 21.45 10.25 -20.76
C GLU C 149 21.87 9.90 -19.33
N ILE C 150 21.21 8.91 -18.74
CA ILE C 150 21.63 8.28 -17.49
C ILE C 150 21.78 6.79 -17.77
N VAL C 151 22.99 6.26 -17.57
CA VAL C 151 23.31 4.83 -17.75
C VAL C 151 23.63 4.28 -16.37
N LEU C 152 22.70 3.50 -15.81
CA LEU C 152 22.81 3.11 -14.43
C LEU C 152 22.90 1.60 -14.29
N MET C 153 23.62 1.18 -13.25
CA MET C 153 23.61 -0.22 -12.81
C MET C 153 22.60 -0.30 -11.68
N GLY C 154 21.58 -1.13 -11.86
CA GLY C 154 20.53 -1.25 -10.88
C GLY C 154 19.32 -1.98 -11.44
N GLY C 155 18.49 -2.50 -10.53
CA GLY C 155 17.29 -3.22 -10.91
C GLY C 155 17.46 -4.65 -11.47
N ALA C 156 16.32 -5.25 -11.77
CA ALA C 156 16.24 -6.57 -12.40
C ALA C 156 14.82 -6.72 -12.94
N TYR C 157 14.68 -7.18 -14.19
CA TYR C 157 13.33 -7.49 -14.69
C TYR C 157 12.84 -8.83 -14.20
N GLY C 158 13.78 -9.70 -13.83
CA GLY C 158 13.44 -11.01 -13.28
C GLY C 158 13.70 -11.01 -11.76
N THR C 159 14.56 -11.90 -11.30
CA THR C 159 14.84 -12.05 -9.89
C THR C 159 15.89 -11.04 -9.41
N GLY C 160 15.62 -10.45 -8.24
CA GLY C 160 16.56 -9.56 -7.58
C GLY C 160 17.66 -10.31 -6.85
N ASN C 161 18.44 -9.58 -6.07
CA ASN C 161 19.48 -10.22 -5.27
C ASN C 161 19.20 -10.05 -3.78
N PHE C 162 19.11 -8.80 -3.32
CA PHE C 162 18.95 -8.52 -1.89
C PHE C 162 17.62 -9.05 -1.38
N THR C 163 16.58 -8.99 -2.21
CA THR C 163 15.31 -9.67 -1.97
C THR C 163 14.99 -10.41 -3.27
N PRO C 164 13.97 -11.29 -3.27
CA PRO C 164 13.52 -11.86 -4.54
C PRO C 164 13.07 -10.82 -5.57
N SER C 165 12.62 -9.67 -5.09
CA SER C 165 11.98 -8.66 -5.93
C SER C 165 12.92 -7.53 -6.35
N ALA C 166 13.94 -7.28 -5.55
CA ALA C 166 14.69 -6.03 -5.64
C ALA C 166 16.19 -6.26 -5.70
N GLU C 167 16.83 -5.44 -6.52
CA GLU C 167 18.27 -5.35 -6.64
C GLU C 167 18.73 -4.30 -5.62
N PHE C 168 19.92 -4.50 -5.06
CA PHE C 168 20.43 -3.74 -3.90
C PHE C 168 20.38 -2.21 -4.07
N ASN C 169 20.96 -1.71 -5.17
CA ASN C 169 20.99 -0.27 -5.43
C ASN C 169 19.61 0.38 -5.38
N ILE C 170 18.60 -0.30 -5.94
CA ILE C 170 17.24 0.24 -5.90
C ILE C 170 16.66 0.08 -4.50
N PHE C 171 16.82 -1.10 -3.92
CA PHE C 171 16.29 -1.40 -2.58
C PHE C 171 16.83 -0.45 -1.48
N ALA C 172 18.08 -0.02 -1.65
CA ALA C 172 18.73 0.89 -0.71
C ALA C 172 18.09 2.32 -0.69
N ASP C 173 17.40 2.69 -1.77
CA ASP C 173 16.71 3.97 -1.81
C ASP C 173 15.64 3.95 -2.94
N PRO C 174 14.49 3.28 -2.68
CA PRO C 174 13.41 3.12 -3.65
C PRO C 174 12.74 4.45 -4.05
N GLU C 175 12.60 5.35 -3.10
CA GLU C 175 12.00 6.64 -3.37
C GLU C 175 12.90 7.46 -4.30
N ALA C 176 14.19 7.40 -4.09
CA ALA C 176 15.15 8.05 -4.99
C ALA C 176 15.05 7.50 -6.41
N ALA C 177 14.89 6.20 -6.48
CA ALA C 177 14.81 5.50 -7.77
C ALA C 177 13.53 5.94 -8.49
N ARG C 178 12.44 6.05 -7.74
CA ARG C 178 11.16 6.51 -8.27
C ARG C 178 11.33 7.89 -8.92
N VAL C 179 12.11 8.75 -8.30
CA VAL C 179 12.41 10.05 -8.86
C VAL C 179 13.12 9.93 -10.23
N VAL C 180 14.16 9.10 -10.28
CA VAL C 180 14.95 8.97 -11.50
C VAL C 180 14.13 8.37 -12.62
N PHE C 181 13.35 7.34 -12.29
CA PHE C 181 12.58 6.60 -13.32
C PHE C 181 11.31 7.35 -13.77
N THR C 182 10.94 8.43 -13.07
CA THR C 182 9.86 9.31 -13.51
C THR C 182 10.41 10.66 -13.96
N SER C 183 11.72 10.77 -14.19
CA SER C 183 12.35 12.05 -14.55
C SER C 183 12.09 12.50 -16.00
N GLY C 184 11.85 11.56 -16.90
CA GLY C 184 11.73 11.85 -18.33
C GLY C 184 13.04 11.88 -19.10
N VAL C 185 14.16 11.78 -18.40
CA VAL C 185 15.49 11.79 -19.02
C VAL C 185 15.74 10.41 -19.67
N PRO C 186 16.47 10.38 -20.80
CA PRO C 186 16.82 9.08 -21.39
C PRO C 186 17.58 8.18 -20.40
N LEU C 187 17.06 6.96 -20.20
CA LEU C 187 17.60 6.01 -19.22
C LEU C 187 18.09 4.73 -19.90
N VAL C 188 19.23 4.24 -19.43
CA VAL C 188 19.68 2.91 -19.75
C VAL C 188 19.85 2.13 -18.43
N MET C 189 19.26 0.95 -18.36
CA MET C 189 19.31 0.13 -17.15
C MET C 189 20.09 -1.15 -17.38
N MET C 190 21.26 -1.21 -16.74
CA MET C 190 22.06 -2.43 -16.67
C MET C 190 21.62 -3.18 -15.40
N GLY C 191 20.62 -4.05 -15.55
CA GLY C 191 20.05 -4.77 -14.42
C GLY C 191 20.76 -6.09 -14.22
N LEU C 192 20.40 -6.78 -13.14
CA LEU C 192 21.01 -8.10 -12.82
C LEU C 192 20.89 -9.12 -13.96
N ASP C 193 19.82 -9.01 -14.75
CA ASP C 193 19.56 -9.97 -15.82
C ASP C 193 20.71 -9.97 -16.82
N LEU C 194 21.22 -8.78 -17.08
CA LEU C 194 22.41 -8.63 -17.90
C LEU C 194 23.71 -8.83 -17.11
N THR C 195 23.86 -8.11 -16.02
CA THR C 195 25.16 -8.07 -15.31
C THR C 195 25.61 -9.45 -14.78
N ASN C 196 24.66 -10.31 -14.39
CA ASN C 196 24.98 -11.61 -13.84
C ASN C 196 25.64 -12.50 -14.89
N GLN C 197 25.52 -12.12 -16.16
CA GLN C 197 26.20 -12.85 -17.23
C GLN C 197 27.68 -12.52 -17.34
N THR C 198 28.13 -11.43 -16.75
CA THR C 198 29.48 -10.97 -16.96
C THR C 198 30.34 -11.61 -15.87
N VAL C 199 30.40 -12.94 -15.90
CA VAL C 199 31.12 -13.74 -14.91
C VAL C 199 32.62 -13.82 -15.20
N CYS C 200 33.40 -13.29 -14.24
CA CYS C 200 34.85 -13.28 -14.34
C CYS C 200 35.28 -14.68 -13.89
N THR C 201 36.12 -15.32 -14.69
CA THR C 201 36.61 -16.67 -14.45
C THR C 201 38.09 -16.63 -14.11
N PRO C 202 38.66 -17.73 -13.58
CA PRO C 202 40.05 -17.64 -13.19
C PRO C 202 40.97 -17.29 -14.38
N ASP C 203 40.51 -17.59 -15.58
CA ASP C 203 41.27 -17.37 -16.82
C ASP C 203 41.16 -15.91 -17.31
N VAL C 204 40.06 -15.25 -16.95
CA VAL C 204 39.95 -13.81 -17.17
C VAL C 204 40.92 -13.08 -16.23
N ILE C 205 40.95 -13.51 -14.97
CA ILE C 205 41.87 -12.97 -13.97
C ILE C 205 43.32 -13.14 -14.42
N ALA C 206 43.71 -14.39 -14.67
CA ALA C 206 45.05 -14.69 -15.15
C ALA C 206 45.48 -13.80 -16.33
N ARG C 207 44.53 -13.51 -17.21
CA ARG C 207 44.76 -12.65 -18.38
C ARG C 207 45.09 -11.20 -18.02
N MET C 208 44.33 -10.64 -17.07
CA MET C 208 44.58 -9.28 -16.57
C MET C 208 45.89 -9.24 -15.78
N GLU C 209 46.21 -10.36 -15.11
CA GLU C 209 47.49 -10.51 -14.40
C GLU C 209 48.66 -10.45 -15.36
N ARG C 210 48.56 -11.22 -16.44
CA ARG C 210 49.56 -11.22 -17.52
C ARG C 210 49.73 -9.83 -18.13
N ALA C 211 48.61 -9.15 -18.40
CA ALA C 211 48.64 -7.75 -18.85
C ALA C 211 49.45 -6.89 -17.88
N GLY C 212 49.16 -7.05 -16.59
CA GLY C 212 49.99 -6.49 -15.53
C GLY C 212 49.76 -5.04 -15.16
N GLY C 213 50.75 -4.46 -14.48
CA GLY C 213 50.67 -3.09 -13.98
C GLY C 213 49.67 -2.88 -12.84
N PRO C 214 49.59 -1.63 -12.33
CA PRO C 214 48.74 -1.34 -11.18
C PRO C 214 47.29 -1.80 -11.35
N ALA C 215 46.67 -1.46 -12.48
CA ALA C 215 45.28 -1.82 -12.74
C ALA C 215 45.07 -3.33 -12.84
N GLY C 216 46.07 -4.06 -13.33
CA GLY C 216 45.99 -5.52 -13.46
C GLY C 216 46.10 -6.21 -12.13
N GLU C 217 47.00 -5.69 -11.29
CA GLU C 217 47.14 -6.15 -9.91
C GLU C 217 45.87 -5.88 -9.12
N LEU C 218 45.32 -4.68 -9.27
CA LEU C 218 44.09 -4.29 -8.55
C LEU C 218 42.97 -5.25 -8.97
N PHE C 219 42.80 -5.41 -10.29
CA PHE C 219 41.74 -6.25 -10.81
C PHE C 219 41.83 -7.63 -10.17
N SER C 220 43.04 -8.18 -10.17
CA SER C 220 43.30 -9.50 -9.64
C SER C 220 43.02 -9.64 -8.16
N ASP C 221 43.48 -8.66 -7.37
CA ASP C 221 43.24 -8.67 -5.93
C ASP C 221 41.74 -8.58 -5.63
N ILE C 222 41.00 -7.76 -6.37
CA ILE C 222 39.56 -7.62 -6.12
C ILE C 222 38.76 -8.88 -6.48
N MET C 223 39.16 -9.57 -7.55
CA MET C 223 38.33 -10.66 -8.08
C MET C 223 38.81 -12.03 -7.62
N ASN C 224 40.05 -12.12 -7.13
CA ASN C 224 40.47 -13.34 -6.46
C ASN C 224 39.70 -13.44 -5.13
N PHE C 225 39.51 -12.29 -4.49
CA PHE C 225 38.63 -12.16 -3.31
C PHE C 225 37.18 -12.55 -3.63
N THR C 226 36.40 -11.69 -4.31
CA THR C 226 34.94 -11.88 -4.35
C THR C 226 34.49 -13.08 -5.18
N LEU C 227 35.42 -13.92 -5.62
CA LEU C 227 35.00 -15.27 -5.98
C LEU C 227 34.42 -15.93 -4.70
N LYS C 228 35.25 -16.02 -3.66
CA LYS C 228 34.80 -16.44 -2.32
C LYS C 228 33.75 -15.47 -1.78
N GLY C 238 33.49 -18.61 -11.05
CA GLY C 238 33.49 -17.17 -11.32
C GLY C 238 32.39 -16.38 -10.62
N GLY C 239 32.40 -15.05 -10.83
CA GLY C 239 31.36 -14.14 -10.30
C GLY C 239 31.26 -12.86 -11.13
N PRO C 240 30.19 -12.01 -10.91
CA PRO C 240 30.00 -10.86 -11.81
C PRO C 240 30.73 -9.56 -11.51
N VAL C 241 30.94 -8.78 -12.59
CA VAL C 241 31.35 -7.38 -12.50
C VAL C 241 30.19 -6.58 -13.03
N HIS C 242 29.37 -5.99 -12.16
CA HIS C 242 28.14 -5.35 -12.58
C HIS C 242 28.37 -3.93 -13.10
N ASP C 243 28.92 -3.08 -12.25
CA ASP C 243 28.99 -1.65 -12.49
C ASP C 243 29.80 -1.26 -13.74
N ALA C 244 30.82 -2.05 -14.06
CA ALA C 244 31.70 -1.77 -15.20
C ALA C 244 31.01 -1.95 -16.57
N THR C 245 29.86 -2.66 -16.60
CA THR C 245 29.11 -2.83 -17.86
C THR C 245 28.56 -1.50 -18.37
N CYS C 246 28.28 -0.56 -17.47
CA CYS C 246 27.87 0.78 -17.82
C CYS C 246 28.95 1.54 -18.60
N ILE C 247 30.19 1.35 -18.19
CA ILE C 247 31.30 1.98 -18.90
C ILE C 247 31.50 1.32 -20.26
N GLY C 248 31.41 -0.02 -20.30
CA GLY C 248 31.40 -0.77 -21.54
C GLY C 248 30.34 -0.26 -22.51
N TYR C 249 29.12 -0.06 -22.02
CA TYR C 249 28.00 0.42 -22.85
C TYR C 249 28.32 1.76 -23.52
N LEU C 250 28.98 2.64 -22.79
CA LEU C 250 29.32 3.95 -23.35
C LEU C 250 30.46 3.88 -24.33
N ILE C 251 31.41 2.95 -24.14
CA ILE C 251 32.51 2.75 -25.08
C ILE C 251 32.00 2.15 -26.41
N ASN C 252 31.17 1.11 -26.34
CA ASN C 252 30.56 0.54 -27.54
C ASN C 252 29.23 -0.15 -27.22
N PRO C 253 28.12 0.55 -27.45
CA PRO C 253 26.81 -0.01 -27.14
C PRO C 253 26.44 -1.25 -27.96
N ASP C 254 27.11 -1.49 -29.09
CA ASP C 254 26.83 -2.67 -29.91
C ASP C 254 27.20 -3.96 -29.20
N GLY C 255 28.06 -3.87 -28.18
CA GLY C 255 28.43 -5.05 -27.39
C GLY C 255 27.31 -5.55 -26.48
N ILE C 256 26.36 -4.68 -26.18
CA ILE C 256 25.25 -4.98 -25.29
C ILE C 256 23.91 -4.84 -26.02
N LYS C 257 23.09 -5.91 -25.99
CA LYS C 257 21.73 -5.86 -26.52
C LYS C 257 20.75 -5.32 -25.46
N THR C 258 19.99 -4.29 -25.83
CA THR C 258 18.95 -3.73 -24.96
C THR C 258 17.56 -3.86 -25.59
N GLN C 259 16.55 -3.66 -24.75
CA GLN C 259 15.15 -3.64 -25.17
C GLN C 259 14.46 -2.48 -24.46
N GLU C 260 13.81 -1.62 -25.25
CA GLU C 260 13.05 -0.51 -24.73
C GLU C 260 11.80 -1.00 -23.99
N MET C 261 11.59 -0.52 -22.78
CA MET C 261 10.47 -0.93 -21.96
C MET C 261 9.98 0.23 -21.11
N TYR C 262 8.68 0.18 -20.76
CA TYR C 262 8.16 1.04 -19.72
C TYR C 262 8.49 0.38 -18.35
N VAL C 263 9.24 1.12 -17.55
CA VAL C 263 9.67 0.65 -16.25
C VAL C 263 9.07 1.53 -15.15
N GLU C 264 8.58 0.88 -14.08
CA GLU C 264 8.04 1.58 -12.93
C GLU C 264 8.70 1.05 -11.65
N VAL C 265 9.03 1.95 -10.74
CA VAL C 265 9.62 1.56 -9.47
C VAL C 265 8.49 1.44 -8.43
N ASP C 266 8.38 0.29 -7.80
CA ASP C 266 7.39 0.04 -6.76
C ASP C 266 7.96 0.54 -5.42
N VAL C 267 7.27 1.50 -4.79
CA VAL C 267 7.65 2.05 -3.51
C VAL C 267 6.67 1.57 -2.43
N ASN C 268 5.86 0.56 -2.74
CA ASN C 268 5.02 -0.06 -1.70
C ASN C 268 5.91 -0.82 -0.69
N SER C 269 5.69 -0.59 0.60
CA SER C 269 6.20 -1.48 1.63
C SER C 269 5.55 -2.86 1.44
N GLY C 270 6.32 -3.93 1.69
CA GLY C 270 5.87 -5.26 1.38
C GLY C 270 6.83 -5.96 0.43
N PRO C 271 6.41 -7.10 -0.13
CA PRO C 271 7.34 -8.05 -0.78
C PRO C 271 7.98 -7.58 -2.10
N CYS C 272 7.53 -6.45 -2.64
CA CYS C 272 8.11 -5.89 -3.87
C CYS C 272 8.67 -4.47 -3.70
N TYR C 273 8.92 -4.08 -2.47
CA TYR C 273 9.51 -2.76 -2.21
C TYR C 273 10.85 -2.64 -2.92
N GLY C 274 11.01 -1.58 -3.74
CA GLY C 274 12.23 -1.38 -4.51
C GLY C 274 12.36 -2.22 -5.81
N ARG C 275 11.30 -2.92 -6.19
CA ARG C 275 11.31 -3.63 -7.46
C ARG C 275 11.21 -2.66 -8.66
N THR C 276 12.00 -2.96 -9.69
CA THR C 276 11.83 -2.37 -11.02
C THR C 276 10.88 -3.28 -11.78
N VAL C 277 9.66 -2.81 -11.99
CA VAL C 277 8.65 -3.53 -12.75
C VAL C 277 8.79 -3.15 -14.23
N CYS C 278 9.22 -4.14 -15.03
CA CYS C 278 9.53 -3.89 -16.44
C CYS C 278 8.49 -4.55 -17.34
N ASP C 279 7.86 -3.75 -18.21
CA ASP C 279 6.83 -4.25 -19.14
C ASP C 279 7.45 -4.82 -20.42
N GLU C 280 8.03 -5.99 -20.26
CA GLU C 280 8.70 -6.73 -21.30
C GLU C 280 7.86 -6.93 -22.58
N LEU C 281 6.58 -7.25 -22.39
CA LEU C 281 5.70 -7.58 -23.49
C LEU C 281 4.82 -6.41 -23.94
N GLY C 282 4.96 -5.27 -23.28
CA GLY C 282 4.21 -4.06 -23.65
C GLY C 282 2.70 -4.09 -23.39
N VAL C 283 2.27 -4.81 -22.36
CA VAL C 283 0.84 -5.02 -22.09
C VAL C 283 0.15 -3.81 -21.44
N LEU C 284 0.93 -2.87 -20.90
CA LEU C 284 0.34 -1.66 -20.31
C LEU C 284 0.03 -0.56 -21.33
N GLY C 285 0.54 -0.69 -22.56
CA GLY C 285 0.36 0.32 -23.60
C GLY C 285 0.91 1.69 -23.21
N LYS C 286 1.99 1.73 -22.43
CA LYS C 286 2.61 2.99 -22.08
C LYS C 286 3.90 3.16 -22.85
N PRO C 287 4.27 4.40 -23.15
CA PRO C 287 5.54 4.55 -23.86
C PRO C 287 6.72 4.12 -23.00
N ALA C 288 7.70 3.46 -23.62
CA ALA C 288 8.91 3.02 -22.98
C ALA C 288 9.66 4.20 -22.41
N ASN C 289 10.36 3.99 -21.30
CA ASN C 289 11.15 5.07 -20.69
C ASN C 289 12.59 4.71 -20.41
N THR C 290 12.95 3.48 -20.74
CA THR C 290 14.22 2.84 -20.32
C THR C 290 14.67 1.85 -21.37
N LYS C 291 15.95 1.89 -21.71
CA LYS C 291 16.58 0.82 -22.49
C LYS C 291 17.13 -0.21 -21.48
N VAL C 292 16.54 -1.40 -21.46
CA VAL C 292 16.84 -2.43 -20.47
C VAL C 292 17.81 -3.43 -21.08
N GLY C 293 18.89 -3.72 -20.35
CA GLY C 293 19.93 -4.65 -20.80
C GLY C 293 19.41 -6.07 -20.81
N ILE C 294 19.66 -6.78 -21.90
CA ILE C 294 19.21 -8.17 -22.10
C ILE C 294 20.40 -9.15 -22.13
N THR C 295 21.35 -8.91 -23.03
CA THR C 295 22.54 -9.77 -23.13
C THR C 295 23.79 -8.97 -23.43
N ILE C 296 24.94 -9.54 -23.03
CA ILE C 296 26.25 -8.92 -23.24
C ILE C 296 27.19 -9.91 -23.95
N ASP C 297 28.00 -9.40 -24.87
CA ASP C 297 29.04 -10.18 -25.48
C ASP C 297 30.29 -10.16 -24.58
N THR C 298 30.48 -11.25 -23.83
CA THR C 298 31.52 -11.29 -22.80
C THR C 298 32.91 -11.33 -23.42
N ASP C 299 33.04 -11.91 -24.61
CA ASP C 299 34.33 -11.87 -25.30
C ASP C 299 34.74 -10.40 -25.53
N TRP C 300 33.82 -9.63 -26.11
CA TRP C 300 34.05 -8.21 -26.34
C TRP C 300 34.37 -7.48 -25.03
N PHE C 301 33.62 -7.78 -23.99
CA PHE C 301 33.73 -7.06 -22.74
C PHE C 301 35.09 -7.30 -22.04
N TRP C 302 35.49 -8.57 -21.93
CA TRP C 302 36.77 -8.89 -21.30
C TRP C 302 37.97 -8.31 -22.10
N GLY C 303 37.82 -8.26 -23.41
CA GLY C 303 38.84 -7.61 -24.23
C GLY C 303 38.99 -6.14 -23.85
N LEU C 304 37.86 -5.51 -23.60
CA LEU C 304 37.82 -4.11 -23.24
C LEU C 304 38.45 -3.85 -21.87
N VAL C 305 38.15 -4.73 -20.91
CA VAL C 305 38.77 -4.66 -19.57
C VAL C 305 40.31 -4.76 -19.67
N GLU C 306 40.79 -5.70 -20.46
CA GLU C 306 42.23 -5.88 -20.66
C GLU C 306 42.88 -4.64 -21.27
N GLU C 307 42.21 -4.12 -22.30
CA GLU C 307 42.56 -2.84 -22.92
C GLU C 307 42.72 -1.72 -21.89
N CYS C 308 41.74 -1.58 -21.02
CA CYS C 308 41.82 -0.54 -20.00
C CYS C 308 42.93 -0.80 -18.99
N VAL C 309 43.08 -2.05 -18.55
CA VAL C 309 44.18 -2.41 -17.68
C VAL C 309 45.47 -1.88 -18.28
N ARG C 310 45.70 -2.13 -19.57
CA ARG C 310 46.98 -1.77 -20.20
C ARG C 310 47.23 -0.26 -20.20
N GLY C 311 46.15 0.52 -20.17
CA GLY C 311 46.29 1.95 -20.05
C GLY C 311 47.11 2.45 -18.86
N TYR C 312 47.37 1.58 -17.88
CA TYR C 312 48.01 1.98 -16.61
C TYR C 312 49.46 1.54 -16.50
N ILE C 313 49.97 0.84 -17.50
CA ILE C 313 51.34 0.37 -17.47
C ILE C 313 52.27 1.56 -17.78
N LYS C 314 53.33 1.70 -16.98
CA LYS C 314 54.26 2.82 -17.12
C LYS C 314 55.58 2.36 -17.73
N LYS D 6 15.37 35.08 24.87
CA LYS D 6 14.89 34.97 23.45
C LYS D 6 15.08 33.58 22.86
N ARG D 7 14.05 33.04 22.22
CA ARG D 7 14.21 31.80 21.46
C ARG D 7 14.68 32.11 20.03
N LYS D 8 15.86 31.61 19.68
CA LYS D 8 16.37 31.69 18.30
C LYS D 8 15.60 30.75 17.38
N ILE D 9 15.17 31.27 16.23
CA ILE D 9 14.43 30.44 15.28
C ILE D 9 14.85 30.63 13.83
N ILE D 10 14.71 29.57 13.04
CA ILE D 10 14.73 29.66 11.57
C ILE D 10 13.29 29.35 11.15
N LEU D 11 12.65 30.34 10.49
CA LEU D 11 11.27 30.20 10.02
C LEU D 11 11.26 29.73 8.56
N ASP D 12 10.79 28.50 8.34
CA ASP D 12 10.71 27.87 7.02
C ASP D 12 9.24 27.91 6.57
N CYS D 13 8.98 28.51 5.42
CA CYS D 13 7.60 28.84 5.06
C CYS D 13 7.37 28.93 3.54
N ASP D 14 6.10 28.95 3.16
CA ASP D 14 5.70 28.94 1.75
C ASP D 14 4.67 30.03 1.50
N PRO D 15 5.05 31.29 1.72
CA PRO D 15 4.07 32.35 1.80
C PRO D 15 3.21 32.53 0.52
N GLY D 16 1.88 32.62 0.64
CA GLY D 16 1.14 32.20 1.84
C GLY D 16 0.67 33.29 2.77
N HIS D 17 -0.66 33.38 2.94
CA HIS D 17 -1.33 34.42 3.75
C HIS D 17 -1.04 34.33 5.24
N ASP D 18 -1.21 33.15 5.83
CA ASP D 18 -0.89 33.00 7.26
C ASP D 18 0.61 32.87 7.50
N ASP D 19 1.38 32.43 6.50
CA ASP D 19 2.82 32.50 6.61
C ASP D 19 3.24 33.95 6.87
N ALA D 20 2.61 34.87 6.13
CA ALA D 20 2.95 36.28 6.22
C ALA D 20 2.65 36.82 7.61
N ILE D 21 1.57 36.33 8.24
CA ILE D 21 1.24 36.72 9.60
C ILE D 21 2.29 36.19 10.57
N ALA D 22 2.70 34.95 10.34
CA ALA D 22 3.78 34.31 11.08
C ALA D 22 5.09 35.12 11.02
N ILE D 23 5.50 35.52 9.80
CA ILE D 23 6.70 36.35 9.60
C ILE D 23 6.60 37.65 10.42
N MET D 24 5.44 38.28 10.31
CA MET D 24 5.21 39.56 10.96
C MET D 24 5.38 39.48 12.47
N MET D 25 4.83 38.43 13.07
CA MET D 25 4.95 38.20 14.52
C MET D 25 6.39 37.86 14.91
N ALA D 26 6.98 36.87 14.21
CA ALA D 26 8.32 36.38 14.49
C ALA D 26 9.36 37.51 14.44
N ALA D 27 9.21 38.41 13.47
CA ALA D 27 10.22 39.43 13.21
C ALA D 27 10.19 40.55 14.22
N LYS D 28 9.15 40.58 15.05
CA LYS D 28 8.91 41.76 15.90
C LYS D 28 8.92 41.50 17.41
N HIS D 29 8.46 40.34 17.83
CA HIS D 29 8.29 40.09 19.25
C HIS D 29 9.62 39.92 19.96
N PRO D 30 9.82 40.61 21.10
CA PRO D 30 11.10 40.54 21.80
C PRO D 30 11.50 39.16 22.33
N ALA D 31 10.53 38.25 22.43
CA ALA D 31 10.78 36.89 22.90
C ALA D 31 11.33 35.96 21.82
N ILE D 32 11.41 36.44 20.58
CA ILE D 32 11.87 35.64 19.44
C ILE D 32 13.08 36.31 18.78
N ASP D 33 14.09 35.50 18.44
CA ASP D 33 15.25 35.97 17.68
C ASP D 33 15.18 35.28 16.32
N LEU D 34 14.62 35.98 15.34
CA LEU D 34 14.46 35.44 13.99
C LEU D 34 15.77 35.55 13.23
N LEU D 35 16.49 34.44 13.11
CA LEU D 35 17.80 34.40 12.48
C LEU D 35 17.69 34.51 10.96
N GLY D 36 16.77 33.75 10.38
CA GLY D 36 16.66 33.72 8.93
C GLY D 36 15.32 33.16 8.53
N ILE D 37 14.92 33.44 7.30
CA ILE D 37 13.72 32.84 6.73
C ILE D 37 14.16 32.01 5.53
N THR D 38 13.62 30.80 5.46
CA THR D 38 13.88 29.90 4.35
C THR D 38 12.55 29.62 3.67
N ILE D 39 12.57 29.52 2.35
CA ILE D 39 11.37 29.42 1.56
C ILE D 39 11.37 28.06 0.88
N VAL D 40 10.18 27.46 0.83
CA VAL D 40 9.97 26.18 0.16
C VAL D 40 8.78 26.31 -0.77
N ALA D 41 8.71 25.47 -1.81
CA ALA D 41 7.50 25.32 -2.62
C ALA D 41 6.37 24.76 -1.78
N GLY D 42 5.14 25.21 -2.02
CA GLY D 42 3.98 24.66 -1.33
C GLY D 42 2.69 25.28 -1.81
N ASN D 43 2.22 26.31 -1.10
CA ASN D 43 1.02 27.04 -1.49
C ASN D 43 1.04 27.41 -2.97
N GLN D 44 2.20 27.82 -3.44
CA GLN D 44 2.47 27.96 -4.86
C GLN D 44 3.88 27.45 -5.17
N THR D 45 4.26 27.50 -6.44
CA THR D 45 5.62 27.17 -6.85
C THR D 45 6.63 28.09 -6.15
N LEU D 46 7.87 27.66 -6.08
CA LEU D 46 8.92 28.37 -5.32
C LEU D 46 9.20 29.79 -5.85
N ASP D 47 9.20 29.96 -7.17
CA ASP D 47 9.35 31.31 -7.75
C ASP D 47 8.38 32.32 -7.10
N LYS D 48 7.14 31.88 -6.89
CA LYS D 48 6.10 32.74 -6.34
C LYS D 48 6.16 32.89 -4.82
N THR D 49 6.38 31.80 -4.09
CA THR D 49 6.49 31.88 -2.62
C THR D 49 7.71 32.71 -2.19
N LEU D 50 8.79 32.63 -2.98
CA LEU D 50 9.98 33.47 -2.74
C LEU D 50 9.63 34.97 -2.88
N ILE D 51 9.03 35.32 -4.00
CA ILE D 51 8.61 36.72 -4.25
C ILE D 51 7.68 37.18 -3.12
N ASN D 52 6.71 36.36 -2.78
CA ASN D 52 5.77 36.65 -1.69
C ASN D 52 6.47 36.93 -0.36
N GLY D 53 7.43 36.09 0.00
CA GLY D 53 8.21 36.29 1.23
C GLY D 53 9.02 37.56 1.24
N LEU D 54 9.71 37.82 0.13
CA LEU D 54 10.50 39.05 -0.05
C LEU D 54 9.61 40.30 0.01
N ASN D 55 8.43 40.22 -0.60
CA ASN D 55 7.46 41.33 -0.59
C ASN D 55 6.99 41.70 0.81
N VAL D 56 6.73 40.68 1.62
CA VAL D 56 6.33 40.90 3.01
C VAL D 56 7.45 41.59 3.79
N CYS D 57 8.67 41.05 3.70
CA CYS D 57 9.79 41.62 4.42
C CYS D 57 10.07 43.05 3.98
N GLN D 58 9.97 43.30 2.67
CA GLN D 58 10.22 44.65 2.16
C GLN D 58 9.19 45.62 2.70
N LYS D 59 7.92 45.24 2.69
CA LYS D 59 6.87 46.16 3.14
C LYS D 59 6.96 46.45 4.64
N LEU D 60 7.26 45.44 5.44
CA LEU D 60 7.35 45.60 6.89
C LEU D 60 8.74 46.09 7.35
N GLU D 61 9.65 46.30 6.40
CA GLU D 61 11.05 46.66 6.66
C GLU D 61 11.73 45.67 7.61
N ILE D 62 11.54 44.40 7.37
CA ILE D 62 12.15 43.35 8.16
C ILE D 62 13.50 43.03 7.54
N ASN D 63 14.56 43.26 8.30
CA ASN D 63 15.90 43.06 7.79
C ASN D 63 16.44 41.73 8.32
N VAL D 64 15.95 40.66 7.72
CA VAL D 64 16.37 39.29 7.97
C VAL D 64 16.70 38.67 6.61
N PRO D 65 17.78 37.87 6.52
CA PRO D 65 18.06 37.21 5.23
C PRO D 65 17.02 36.15 4.89
N VAL D 66 16.70 36.06 3.59
CA VAL D 66 15.74 35.11 3.04
C VAL D 66 16.47 34.22 2.04
N TYR D 67 16.32 32.90 2.20
CA TYR D 67 16.99 31.89 1.38
C TYR D 67 15.95 31.05 0.61
N ALA D 68 16.21 30.79 -0.66
CA ALA D 68 15.37 29.93 -1.50
C ALA D 68 15.80 28.48 -1.32
N GLY D 69 14.83 27.59 -1.10
CA GLY D 69 15.09 26.17 -0.91
C GLY D 69 14.56 25.26 -1.99
N MET D 70 13.84 24.21 -1.59
CA MET D 70 13.38 23.18 -2.52
C MET D 70 12.19 23.66 -3.38
N PRO D 71 12.33 23.59 -4.73
CA PRO D 71 11.21 23.88 -5.63
C PRO D 71 10.26 22.72 -5.88
N GLN D 72 10.60 21.52 -5.37
CA GLN D 72 9.78 20.34 -5.53
C GLN D 72 9.87 19.49 -4.27
N PRO D 73 8.86 18.64 -4.04
CA PRO D 73 8.95 17.67 -2.94
C PRO D 73 10.02 16.63 -3.26
N ILE D 74 10.40 15.83 -2.27
CA ILE D 74 11.51 14.92 -2.45
C ILE D 74 11.19 13.73 -3.37
N MET D 75 9.92 13.33 -3.45
CA MET D 75 9.54 12.14 -4.27
C MET D 75 8.21 12.28 -5.04
N ARG D 76 7.17 12.83 -4.43
CA ARG D 76 5.88 12.82 -5.10
C ARG D 76 5.73 13.87 -6.21
N GLN D 77 4.67 13.76 -7.00
CA GLN D 77 4.30 14.79 -7.97
C GLN D 77 3.72 16.02 -7.26
N GLN D 78 4.26 17.19 -7.58
CA GLN D 78 3.91 18.44 -6.89
C GLN D 78 2.42 18.82 -6.96
N ILE D 79 1.91 19.33 -5.84
CA ILE D 79 0.56 19.89 -5.78
C ILE D 79 0.70 21.30 -5.19
N VAL D 80 -0.21 22.22 -5.55
CA VAL D 80 -0.28 23.57 -4.94
C VAL D 80 -1.66 23.84 -4.27
N ALA D 81 -1.71 24.82 -3.37
CA ALA D 81 -2.94 25.20 -2.63
C ALA D 81 -3.42 26.55 -3.13
N ASP D 82 -3.48 26.70 -4.45
CA ASP D 82 -3.97 27.94 -5.08
C ASP D 82 -5.47 28.20 -4.85
N ASN D 83 -6.24 27.15 -4.61
CA ASN D 83 -7.66 27.28 -4.28
C ASN D 83 -7.91 28.10 -2.98
N ILE D 84 -6.95 28.05 -2.06
CA ILE D 84 -7.03 28.80 -0.80
C ILE D 84 -6.30 30.16 -0.89
N HIS D 85 -5.11 30.13 -1.50
CA HIS D 85 -4.17 31.26 -1.46
C HIS D 85 -4.04 32.02 -2.79
N GLY D 86 -4.84 31.65 -3.78
CA GLY D 86 -4.89 32.35 -5.05
C GLY D 86 -3.71 32.11 -5.97
N ASP D 87 -3.75 32.77 -7.13
CA ASP D 87 -2.88 32.47 -8.26
C ASP D 87 -1.45 32.92 -7.98
N THR D 88 -1.32 34.04 -7.28
CA THR D 88 -0.02 34.60 -6.92
C THR D 88 0.53 33.88 -5.68
N GLY D 89 -0.39 33.27 -4.93
CA GLY D 89 -0.07 32.67 -3.65
C GLY D 89 -0.21 33.63 -2.48
N LEU D 90 -0.42 34.92 -2.77
CA LEU D 90 -0.68 35.92 -1.71
C LEU D 90 -1.59 37.04 -2.20
N ASP D 91 -2.74 36.67 -2.77
CA ASP D 91 -3.67 37.68 -3.30
C ASP D 91 -4.24 38.56 -2.17
N GLY D 92 -4.45 39.83 -2.48
CA GLY D 92 -5.02 40.79 -1.55
C GLY D 92 -4.23 42.07 -1.49
N PRO D 93 -3.06 42.07 -0.83
CA PRO D 93 -2.25 43.29 -0.78
C PRO D 93 -1.56 43.58 -2.11
N VAL D 94 -1.28 44.85 -2.37
CA VAL D 94 -0.48 45.23 -3.53
C VAL D 94 0.83 45.81 -3.03
N PHE D 95 1.94 45.28 -3.52
CA PHE D 95 3.26 45.69 -3.06
C PHE D 95 3.99 46.58 -4.05
N GLU D 96 4.91 47.39 -3.51
CA GLU D 96 5.84 48.17 -4.32
C GLU D 96 6.79 47.25 -5.09
N PRO D 97 7.43 47.79 -6.15
CA PRO D 97 8.44 46.97 -6.83
C PRO D 97 9.53 46.45 -5.86
N LEU D 98 9.88 45.18 -6.01
CA LEU D 98 10.82 44.51 -5.13
C LEU D 98 12.24 45.05 -5.35
N THR D 99 12.86 45.55 -4.29
CA THR D 99 14.26 45.94 -4.35
C THR D 99 15.15 44.84 -3.79
N ARG D 100 14.66 44.11 -2.81
CA ARG D 100 15.47 43.06 -2.20
C ARG D 100 15.35 41.68 -2.85
N GLN D 101 16.38 40.89 -2.61
CA GLN D 101 16.63 39.62 -3.29
C GLN D 101 16.96 38.51 -2.29
N ALA D 102 16.85 37.28 -2.76
CA ALA D 102 17.25 36.11 -1.98
C ALA D 102 18.78 36.09 -1.87
N GLU D 103 19.28 35.49 -0.79
CA GLU D 103 20.72 35.25 -0.62
C GLU D 103 21.17 34.21 -1.65
N SER D 104 22.47 34.13 -1.94
CA SER D 104 22.95 33.15 -2.92
C SER D 104 22.97 31.71 -2.38
N THR D 105 23.05 31.56 -1.06
CA THR D 105 23.13 30.23 -0.47
C THR D 105 21.77 29.55 -0.49
N HIS D 106 21.75 28.30 -0.94
CA HIS D 106 20.55 27.49 -0.90
C HIS D 106 20.11 27.24 0.53
N ALA D 107 18.80 27.33 0.77
CA ALA D 107 18.22 27.21 2.11
C ALA D 107 18.66 25.93 2.86
N VAL D 108 18.75 24.82 2.14
CA VAL D 108 19.19 23.55 2.76
C VAL D 108 20.63 23.69 3.32
N LYS D 109 21.54 24.26 2.54
CA LYS D 109 22.89 24.48 3.00
C LYS D 109 22.94 25.49 4.16
N TYR D 110 22.17 26.57 4.07
CA TYR D 110 22.07 27.53 5.16
C TYR D 110 21.59 26.87 6.47
N ILE D 111 20.58 26.02 6.36
CA ILE D 111 20.04 25.35 7.55
C ILE D 111 21.11 24.45 8.18
N ILE D 112 21.76 23.64 7.34
CA ILE D 112 22.85 22.78 7.77
C ILE D 112 24.00 23.54 8.44
N ASP D 113 24.52 24.57 7.75
CA ASP D 113 25.65 25.34 8.23
C ASP D 113 25.35 26.06 9.55
N THR D 114 24.16 26.65 9.64
CA THR D 114 23.77 27.43 10.82
C THR D 114 23.64 26.51 12.06
N LEU D 115 22.99 25.36 11.88
CA LEU D 115 22.83 24.38 12.95
C LEU D 115 24.18 23.81 13.39
N MET D 116 25.02 23.44 12.42
CA MET D 116 26.34 22.87 12.72
C MET D 116 27.28 23.82 13.45
N ALA D 117 27.17 25.12 13.16
CA ALA D 117 28.02 26.14 13.82
C ALA D 117 27.42 26.69 15.11
N SER D 118 26.18 26.30 15.42
CA SER D 118 25.46 26.78 16.60
C SER D 118 25.85 26.01 17.88
N ASP D 119 25.30 26.48 18.99
CA ASP D 119 25.47 25.86 20.30
C ASP D 119 24.25 25.02 20.68
N GLY D 120 23.49 24.58 19.67
CA GLY D 120 22.35 23.68 19.88
C GLY D 120 21.08 24.30 20.41
N ASP D 121 21.01 25.64 20.39
CA ASP D 121 19.89 26.38 20.97
C ASP D 121 18.87 26.94 19.96
N ILE D 122 18.98 26.55 18.69
CA ILE D 122 18.08 27.05 17.65
C ILE D 122 16.93 26.08 17.48
N THR D 123 15.72 26.65 17.27
CA THR D 123 14.50 25.91 16.98
C THR D 123 14.13 26.13 15.52
N LEU D 124 13.73 25.06 14.83
CA LEU D 124 13.21 25.19 13.46
C LEU D 124 11.69 25.33 13.54
N VAL D 125 11.16 26.24 12.73
CA VAL D 125 9.70 26.50 12.69
C VAL D 125 9.20 26.38 11.26
N PRO D 126 8.92 25.15 10.81
CA PRO D 126 8.37 24.87 9.49
C PRO D 126 6.85 25.03 9.44
N VAL D 127 6.39 25.91 8.54
CA VAL D 127 4.98 26.17 8.38
C VAL D 127 4.54 26.00 6.91
N GLY D 128 5.33 25.26 6.14
CA GLY D 128 4.97 24.79 4.80
C GLY D 128 5.24 23.30 4.73
N PRO D 129 5.25 22.73 3.51
CA PRO D 129 5.74 21.35 3.36
C PRO D 129 7.16 21.20 3.95
N LEU D 130 7.55 19.98 4.31
CA LEU D 130 8.75 19.74 5.12
C LEU D 130 9.99 19.36 4.27
N SER D 131 9.89 19.59 2.96
CA SER D 131 10.96 19.28 2.00
C SER D 131 12.38 19.80 2.37
N ASN D 132 12.48 21.09 2.74
CA ASN D 132 13.77 21.65 3.09
C ASN D 132 14.32 20.92 4.31
N ILE D 133 13.43 20.60 5.25
CA ILE D 133 13.83 20.05 6.54
C ILE D 133 14.35 18.62 6.37
N ALA D 134 13.60 17.84 5.59
CA ALA D 134 13.96 16.48 5.31
C ALA D 134 15.29 16.35 4.53
N VAL D 135 15.48 17.22 3.56
CA VAL D 135 16.70 17.14 2.75
C VAL D 135 17.91 17.50 3.61
N ALA D 136 17.77 18.54 4.44
CA ALA D 136 18.84 18.95 5.32
C ALA D 136 19.18 17.82 6.31
N MET D 137 18.15 17.16 6.83
CA MET D 137 18.32 16.04 7.77
C MET D 137 19.05 14.83 7.20
N ARG D 138 18.78 14.51 5.95
CA ARG D 138 19.43 13.35 5.31
C ARG D 138 20.76 13.69 4.64
N MET D 139 20.96 14.97 4.31
CA MET D 139 22.21 15.42 3.74
C MET D 139 23.32 15.55 4.81
N GLN D 140 22.92 15.97 6.01
CA GLN D 140 23.84 16.07 7.12
C GLN D 140 23.10 15.68 8.40
N PRO D 141 23.07 14.37 8.69
CA PRO D 141 22.45 13.84 9.90
C PRO D 141 23.07 14.34 11.23
N ALA D 142 24.26 14.94 11.18
CA ALA D 142 24.86 15.57 12.34
C ALA D 142 24.09 16.78 12.85
N ILE D 143 23.16 17.33 12.06
CA ILE D 143 22.33 18.44 12.55
C ILE D 143 21.28 17.98 13.58
N LEU D 144 20.98 16.68 13.60
CA LEU D 144 19.88 16.21 14.45
C LEU D 144 20.02 16.60 15.95
N PRO D 145 21.15 16.28 16.58
CA PRO D 145 21.35 16.67 17.98
C PRO D 145 21.51 18.17 18.24
N LYS D 146 21.82 18.94 17.18
CA LYS D 146 21.94 20.40 17.23
C LYS D 146 20.60 21.14 17.23
N ILE D 147 19.51 20.46 16.83
CA ILE D 147 18.17 21.09 16.81
C ILE D 147 17.52 20.99 18.19
N ARG D 148 17.23 22.14 18.80
CA ARG D 148 16.60 22.18 20.12
C ARG D 148 15.19 21.58 20.08
N GLU D 149 14.41 22.04 19.11
CA GLU D 149 13.03 21.65 18.96
C GLU D 149 12.60 21.99 17.53
N ILE D 150 11.55 21.32 17.07
CA ILE D 150 10.87 21.69 15.83
C ILE D 150 9.41 21.95 16.20
N VAL D 151 8.93 23.16 15.91
CA VAL D 151 7.52 23.53 16.15
C VAL D 151 6.92 23.79 14.78
N LEU D 152 6.10 22.85 14.33
CA LEU D 152 5.60 22.89 12.96
C LEU D 152 4.10 23.09 12.88
N MET D 153 3.66 23.78 11.83
CA MET D 153 2.24 23.77 11.47
C MET D 153 2.06 22.71 10.40
N GLY D 154 1.23 21.72 10.70
CA GLY D 154 0.99 20.61 9.82
C GLY D 154 0.20 19.51 10.50
N GLY D 155 -0.44 18.68 9.68
CA GLY D 155 -1.17 17.53 10.18
C GLY D 155 -2.52 17.78 10.80
N ALA D 156 -3.14 16.68 11.23
CA ALA D 156 -4.43 16.71 11.92
C ALA D 156 -4.62 15.35 12.57
N TYR D 157 -5.02 15.31 13.84
CA TYR D 157 -5.36 14.01 14.44
C TYR D 157 -6.81 13.58 14.09
N GLY D 158 -7.63 14.53 13.69
CA GLY D 158 -8.98 14.24 13.23
C GLY D 158 -9.05 14.39 11.73
N THR D 159 -9.92 15.25 11.26
CA THR D 159 -10.12 15.45 9.81
C THR D 159 -9.06 16.37 9.21
N GLY D 160 -8.58 16.00 8.03
CA GLY D 160 -7.70 16.86 7.25
C GLY D 160 -8.45 17.97 6.53
N ASN D 161 -7.75 18.65 5.64
CA ASN D 161 -8.38 19.67 4.79
C ASN D 161 -8.32 19.29 3.32
N PHE D 162 -7.12 19.14 2.77
CA PHE D 162 -6.92 18.84 1.36
C PHE D 162 -7.54 17.51 0.97
N THR D 163 -7.43 16.52 1.87
CA THR D 163 -8.20 15.27 1.77
C THR D 163 -8.85 15.05 3.13
N PRO D 164 -9.78 14.09 3.23
CA PRO D 164 -10.33 13.75 4.55
C PRO D 164 -9.25 13.29 5.55
N SER D 165 -8.15 12.76 5.04
CA SER D 165 -7.12 12.16 5.87
C SER D 165 -5.94 13.08 6.18
N ALA D 166 -5.69 14.04 5.28
CA ALA D 166 -4.41 14.74 5.26
C ALA D 166 -4.56 16.24 5.22
N GLU D 167 -3.64 16.89 5.94
CA GLU D 167 -3.50 18.32 5.96
C GLU D 167 -2.49 18.67 4.85
N PHE D 168 -2.69 19.83 4.22
CA PHE D 168 -1.94 20.20 3.01
C PHE D 168 -0.42 20.10 3.12
N ASN D 169 0.15 20.72 4.14
CA ASN D 169 1.62 20.71 4.30
C ASN D 169 2.19 19.29 4.28
N ILE D 170 1.52 18.36 4.97
CA ILE D 170 1.99 16.96 5.01
C ILE D 170 1.71 16.27 3.67
N PHE D 171 0.49 16.45 3.16
CA PHE D 171 0.09 15.88 1.85
C PHE D 171 1.00 16.30 0.69
N ALA D 172 1.50 17.53 0.74
CA ALA D 172 2.39 18.07 -0.28
C ALA D 172 3.75 17.38 -0.35
N ASP D 173 4.18 16.77 0.75
CA ASP D 173 5.43 16.02 0.80
C ASP D 173 5.40 15.00 1.98
N PRO D 174 4.68 13.88 1.79
CA PRO D 174 4.56 12.87 2.84
C PRO D 174 5.86 12.15 3.21
N GLU D 175 6.72 11.94 2.23
CA GLU D 175 7.98 11.27 2.46
C GLU D 175 8.88 12.17 3.30
N ALA D 176 8.90 13.47 3.00
CA ALA D 176 9.64 14.46 3.79
C ALA D 176 9.14 14.48 5.24
N ALA D 177 7.82 14.44 5.40
CA ALA D 177 7.20 14.41 6.72
C ALA D 177 7.65 13.17 7.48
N ARG D 178 7.69 12.01 6.80
CA ARG D 178 8.12 10.75 7.40
C ARG D 178 9.53 10.87 7.98
N VAL D 179 10.41 11.55 7.26
CA VAL D 179 11.75 11.81 7.73
C VAL D 179 11.74 12.62 9.05
N VAL D 180 11.03 13.73 9.06
CA VAL D 180 10.95 14.59 10.24
C VAL D 180 10.36 13.83 11.44
N PHE D 181 9.26 13.11 11.22
CA PHE D 181 8.55 12.47 12.33
C PHE D 181 9.26 11.21 12.85
N THR D 182 10.25 10.72 12.11
CA THR D 182 11.14 9.64 12.55
C THR D 182 12.56 10.16 12.91
N SER D 183 12.73 11.47 13.06
CA SER D 183 14.07 12.06 13.30
C SER D 183 14.58 11.87 14.74
N GLY D 184 13.68 11.71 15.70
CA GLY D 184 14.04 11.67 17.11
C GLY D 184 14.22 13.03 17.78
N VAL D 185 14.11 14.13 17.01
CA VAL D 185 14.18 15.49 17.55
C VAL D 185 12.86 15.83 18.26
N PRO D 186 12.89 16.65 19.35
CA PRO D 186 11.65 17.09 19.99
C PRO D 186 10.75 17.86 19.02
N LEU D 187 9.51 17.40 18.89
CA LEU D 187 8.55 17.93 17.93
C LEU D 187 7.33 18.49 18.63
N VAL D 188 6.86 19.65 18.15
CA VAL D 188 5.55 20.17 18.52
C VAL D 188 4.73 20.29 17.23
N MET D 189 3.51 19.77 17.24
CA MET D 189 2.65 19.78 16.05
C MET D 189 1.43 20.62 16.29
N MET D 190 1.39 21.75 15.61
CA MET D 190 0.19 22.58 15.53
C MET D 190 -0.63 22.09 14.33
N GLY D 191 -1.53 21.15 14.59
CA GLY D 191 -2.36 20.54 13.55
C GLY D 191 -3.68 21.24 13.44
N LEU D 192 -4.46 20.88 12.41
CA LEU D 192 -5.73 21.54 12.10
C LEU D 192 -6.68 21.60 13.28
N ASP D 193 -6.62 20.56 14.11
CA ASP D 193 -7.54 20.41 15.24
C ASP D 193 -7.43 21.63 16.16
N LEU D 194 -6.20 22.12 16.33
CA LEU D 194 -5.96 23.34 17.08
C LEU D 194 -6.12 24.58 16.19
N THR D 195 -5.43 24.60 15.06
CA THR D 195 -5.36 25.83 14.26
C THR D 195 -6.71 26.30 13.70
N ASN D 196 -7.66 25.38 13.46
CA ASN D 196 -8.98 25.76 12.97
C ASN D 196 -9.74 26.63 13.97
N GLN D 197 -9.34 26.58 15.25
CA GLN D 197 -9.97 27.38 16.29
C GLN D 197 -9.56 28.88 16.13
N THR D 198 -8.54 29.19 15.31
CA THR D 198 -8.09 30.59 15.09
C THR D 198 -8.74 31.33 13.90
N VAL D 199 -9.99 31.03 13.61
CA VAL D 199 -10.73 31.71 12.55
C VAL D 199 -10.78 33.23 12.76
N CYS D 200 -10.32 33.93 11.75
CA CYS D 200 -10.19 35.37 11.77
C CYS D 200 -11.43 35.94 11.10
N THR D 201 -12.36 36.45 11.89
CA THR D 201 -13.61 36.97 11.38
C THR D 201 -13.45 38.47 11.14
N PRO D 202 -14.47 39.11 10.56
CA PRO D 202 -14.38 40.54 10.23
C PRO D 202 -14.09 41.50 11.41
N ASP D 203 -14.69 41.22 12.56
CA ASP D 203 -14.42 41.98 13.78
C ASP D 203 -12.94 41.89 14.20
N VAL D 204 -12.33 40.72 14.01
CA VAL D 204 -10.89 40.56 14.28
C VAL D 204 -10.04 41.43 13.33
N ILE D 205 -10.39 41.43 12.05
CA ILE D 205 -9.73 42.29 11.08
C ILE D 205 -9.90 43.76 11.48
N ALA D 206 -11.12 44.17 11.80
CA ALA D 206 -11.40 45.54 12.23
C ALA D 206 -10.59 45.97 13.48
N ARG D 207 -10.34 45.03 14.38
CA ARG D 207 -9.45 45.24 15.53
C ARG D 207 -8.07 45.70 15.10
N MET D 208 -7.51 45.03 14.10
CA MET D 208 -6.13 45.25 13.69
C MET D 208 -6.01 46.49 12.81
N GLU D 209 -7.06 46.78 12.05
CA GLU D 209 -7.17 48.06 11.35
C GLU D 209 -7.20 49.22 12.33
N ARG D 210 -7.84 49.01 13.48
CA ARG D 210 -7.89 50.03 14.50
C ARG D 210 -6.49 50.31 15.01
N ALA D 211 -5.73 49.25 15.28
CA ALA D 211 -4.31 49.36 15.65
C ALA D 211 -3.56 50.18 14.61
N GLY D 212 -3.63 49.74 13.36
CA GLY D 212 -3.09 50.51 12.24
C GLY D 212 -1.62 50.23 11.97
N GLY D 213 -0.97 51.21 11.33
CA GLY D 213 0.43 51.07 10.89
C GLY D 213 0.54 50.12 9.73
N PRO D 214 1.74 49.98 9.15
CA PRO D 214 1.98 49.03 8.05
C PRO D 214 1.52 47.59 8.34
N ALA D 215 1.67 47.11 9.57
CA ALA D 215 1.30 45.72 9.89
C ALA D 215 -0.22 45.52 10.04
N GLY D 216 -0.96 46.55 10.42
CA GLY D 216 -2.41 46.43 10.52
C GLY D 216 -3.06 46.45 9.15
N GLU D 217 -2.57 47.35 8.29
CA GLU D 217 -3.04 47.46 6.91
C GLU D 217 -2.78 46.17 6.12
N LEU D 218 -1.58 45.61 6.27
CA LEU D 218 -1.23 44.36 5.60
C LEU D 218 -2.04 43.17 6.13
N PHE D 219 -2.22 43.10 7.45
CA PHE D 219 -3.13 42.11 8.06
C PHE D 219 -4.52 42.16 7.43
N SER D 220 -5.06 43.36 7.24
CA SER D 220 -6.39 43.51 6.64
C SER D 220 -6.38 43.09 5.17
N ASP D 221 -5.46 43.64 4.38
CA ASP D 221 -5.37 43.31 2.95
C ASP D 221 -5.28 41.78 2.72
N ILE D 222 -4.45 41.13 3.53
CA ILE D 222 -4.19 39.69 3.45
C ILE D 222 -5.37 38.79 3.89
N MET D 223 -5.92 39.03 5.09
CA MET D 223 -6.97 38.15 5.64
C MET D 223 -8.37 38.37 5.07
N ASN D 224 -8.64 39.53 4.48
CA ASN D 224 -9.92 39.72 3.75
C ASN D 224 -10.02 38.76 2.55
N PHE D 225 -8.89 38.44 1.93
CA PHE D 225 -8.90 37.51 0.82
C PHE D 225 -9.26 36.07 1.23
N THR D 226 -8.68 35.55 2.32
CA THR D 226 -8.93 34.17 2.73
C THR D 226 -10.27 33.93 3.43
N LEU D 227 -11.04 34.98 3.66
CA LEU D 227 -12.39 34.83 4.24
C LEU D 227 -13.27 33.97 3.31
N LYS D 228 -13.47 34.45 2.08
CA LYS D 228 -14.25 33.73 1.07
C LYS D 228 -13.66 32.34 0.80
N THR D 229 -12.35 32.25 0.58
CA THR D 229 -11.75 30.97 0.16
C THR D 229 -11.89 29.87 1.21
N GLN D 230 -11.55 30.19 2.46
CA GLN D 230 -11.61 29.21 3.55
C GLN D 230 -13.05 28.79 3.85
N PHE D 231 -13.99 29.72 3.69
CA PHE D 231 -15.41 29.37 3.81
C PHE D 231 -15.90 28.43 2.67
N GLU D 232 -15.59 28.78 1.43
CA GLU D 232 -16.08 28.00 0.27
C GLU D 232 -15.42 26.61 0.20
N ASN D 233 -14.16 26.54 0.59
CA ASN D 233 -13.45 25.26 0.53
C ASN D 233 -13.66 24.37 1.73
N TYR D 234 -13.62 24.92 2.94
CA TYR D 234 -13.73 24.08 4.14
C TYR D 234 -14.89 24.43 5.10
N GLY D 235 -15.73 25.39 4.75
CA GLY D 235 -16.86 25.78 5.59
C GLY D 235 -16.52 26.60 6.83
N LEU D 236 -15.32 27.18 6.86
CA LEU D 236 -14.84 27.96 8.02
C LEU D 236 -15.45 29.39 8.09
N ALA D 237 -15.76 29.84 9.31
CA ALA D 237 -16.36 31.16 9.56
C ALA D 237 -15.36 32.34 9.44
N GLY D 238 -14.07 32.02 9.43
CA GLY D 238 -13.07 32.99 9.09
C GLY D 238 -11.90 32.23 8.56
N GLY D 239 -10.98 32.91 7.90
CA GLY D 239 -9.73 32.27 7.55
C GLY D 239 -8.99 32.05 8.86
N PRO D 240 -8.86 30.79 9.30
CA PRO D 240 -7.96 30.56 10.44
C PRO D 240 -6.63 31.18 10.13
N VAL D 241 -5.86 31.48 11.16
CA VAL D 241 -4.48 31.88 10.96
C VAL D 241 -3.54 30.78 11.51
N HIS D 242 -3.26 29.76 10.70
CA HIS D 242 -2.69 28.51 11.20
C HIS D 242 -1.23 28.68 11.64
N ASP D 243 -0.41 29.19 10.71
CA ASP D 243 1.05 29.19 10.88
C ASP D 243 1.52 30.06 12.05
N ALA D 244 0.79 31.14 12.34
CA ALA D 244 1.16 32.08 13.42
C ALA D 244 1.07 31.48 14.84
N THR D 245 0.31 30.38 14.99
CA THR D 245 0.17 29.69 16.28
C THR D 245 1.49 29.12 16.75
N CYS D 246 2.35 28.76 15.79
CA CYS D 246 3.70 28.30 16.11
C CYS D 246 4.50 29.39 16.80
N ILE D 247 4.35 30.61 16.33
CA ILE D 247 5.07 31.73 16.91
C ILE D 247 4.48 32.02 18.29
N GLY D 248 3.16 31.97 18.38
CA GLY D 248 2.48 32.10 19.66
C GLY D 248 3.00 31.11 20.68
N TYR D 249 3.13 29.85 20.28
CA TYR D 249 3.61 28.78 21.15
C TYR D 249 4.98 29.06 21.73
N LEU D 250 5.87 29.64 20.92
CA LEU D 250 7.22 29.96 21.40
C LEU D 250 7.24 31.16 22.32
N ILE D 251 6.34 32.11 22.09
CA ILE D 251 6.22 33.29 22.96
C ILE D 251 5.67 32.92 24.33
N ASN D 252 4.62 32.12 24.37
CA ASN D 252 4.10 31.63 25.64
C ASN D 252 3.33 30.34 25.45
N PRO D 253 3.98 29.19 25.74
CA PRO D 253 3.34 27.91 25.53
C PRO D 253 2.13 27.65 26.41
N ASP D 254 1.98 28.41 27.50
CA ASP D 254 0.85 28.24 28.41
C ASP D 254 -0.46 28.67 27.77
N GLY D 255 -0.39 29.46 26.70
CA GLY D 255 -1.59 29.80 25.93
C GLY D 255 -2.18 28.66 25.12
N ILE D 256 -1.35 27.64 24.86
CA ILE D 256 -1.77 26.47 24.08
C ILE D 256 -1.68 25.16 24.92
N LYS D 257 -2.76 24.38 24.95
CA LYS D 257 -2.75 23.04 25.54
C LYS D 257 -2.33 21.98 24.53
N THR D 258 -1.28 21.21 24.88
CA THR D 258 -0.80 20.09 24.05
C THR D 258 -0.98 18.75 24.80
N GLN D 259 -0.86 17.66 24.04
CA GLN D 259 -0.88 16.33 24.58
C GLN D 259 0.20 15.56 23.86
N GLU D 260 1.06 14.91 24.63
CA GLU D 260 2.10 14.04 24.09
C GLU D 260 1.49 12.77 23.47
N MET D 261 1.93 12.45 22.24
CA MET D 261 1.42 11.30 21.50
C MET D 261 2.52 10.69 20.64
N TYR D 262 2.39 9.39 20.39
CA TYR D 262 3.16 8.75 19.34
C TYR D 262 2.44 9.03 18.00
N VAL D 263 3.14 9.71 17.10
CA VAL D 263 2.64 10.09 15.79
C VAL D 263 3.47 9.38 14.70
N GLU D 264 2.75 8.82 13.71
CA GLU D 264 3.33 8.16 12.55
C GLU D 264 2.77 8.77 11.26
N VAL D 265 3.63 9.00 10.29
CA VAL D 265 3.17 9.52 9.01
C VAL D 265 2.94 8.37 8.03
N ASP D 266 1.74 8.28 7.49
CA ASP D 266 1.37 7.23 6.52
C ASP D 266 1.79 7.68 5.11
N VAL D 267 2.70 6.92 4.48
CA VAL D 267 3.20 7.19 3.15
C VAL D 267 2.64 6.17 2.16
N ASN D 268 1.62 5.42 2.56
CA ASN D 268 0.92 4.54 1.64
C ASN D 268 0.14 5.36 0.62
N SER D 269 0.28 5.06 -0.66
CA SER D 269 -0.65 5.57 -1.66
C SER D 269 -2.05 5.03 -1.31
N GLY D 270 -3.08 5.82 -1.57
CA GLY D 270 -4.43 5.46 -1.19
C GLY D 270 -5.09 6.54 -0.33
N PRO D 271 -6.19 6.20 0.34
CA PRO D 271 -7.04 7.19 0.99
C PRO D 271 -6.45 7.88 2.26
N CYS D 272 -5.30 7.42 2.75
CA CYS D 272 -4.66 8.05 3.93
C CYS D 272 -3.22 8.49 3.66
N TYR D 273 -2.86 8.62 2.38
CA TYR D 273 -1.54 9.16 2.00
C TYR D 273 -1.36 10.53 2.64
N GLY D 274 -0.27 10.68 3.41
CA GLY D 274 0.04 11.95 4.07
C GLY D 274 -0.71 12.20 5.37
N ARG D 275 -1.44 11.20 5.87
CA ARG D 275 -2.06 11.32 7.18
C ARG D 275 -1.04 11.24 8.33
N THR D 276 -1.22 12.14 9.31
CA THR D 276 -0.56 12.04 10.61
C THR D 276 -1.44 11.20 11.53
N VAL D 277 -1.03 9.96 11.77
CA VAL D 277 -1.74 9.01 12.62
C VAL D 277 -1.28 9.24 14.07
N CYS D 278 -2.18 9.78 14.90
CA CYS D 278 -1.85 10.19 16.28
C CYS D 278 -2.51 9.28 17.32
N ASP D 279 -1.68 8.64 18.15
CA ASP D 279 -2.17 7.70 19.16
C ASP D 279 -2.61 8.45 20.42
N GLU D 280 -3.79 9.05 20.29
CA GLU D 280 -4.46 9.83 21.30
C GLU D 280 -4.59 9.09 22.63
N LEU D 281 -5.00 7.83 22.57
CA LEU D 281 -5.32 7.04 23.76
C LEU D 281 -4.16 6.13 24.19
N GLY D 282 -3.05 6.16 23.45
CA GLY D 282 -1.88 5.35 23.77
C GLY D 282 -1.99 3.83 23.57
N VAL D 283 -2.84 3.37 22.62
CA VAL D 283 -3.10 1.93 22.43
C VAL D 283 -1.93 1.15 21.88
N LEU D 284 -1.01 1.82 21.20
CA LEU D 284 0.13 1.13 20.61
C LEU D 284 1.28 0.83 21.61
N GLY D 285 1.23 1.44 22.79
CA GLY D 285 2.31 1.30 23.77
C GLY D 285 3.69 1.77 23.31
N LYS D 286 3.74 2.78 22.44
CA LYS D 286 5.01 3.29 21.97
C LYS D 286 5.28 4.63 22.63
N PRO D 287 6.55 4.96 22.84
CA PRO D 287 6.80 6.27 23.43
C PRO D 287 6.37 7.43 22.50
N ALA D 288 5.77 8.46 23.10
CA ALA D 288 5.33 9.65 22.39
C ALA D 288 6.53 10.30 21.75
N ASN D 289 6.33 10.90 20.58
CA ASN D 289 7.42 11.60 19.88
C ASN D 289 7.04 13.04 19.49
N THR D 290 5.85 13.48 19.90
CA THR D 290 5.28 14.75 19.44
C THR D 290 4.39 15.30 20.53
N LYS D 291 4.47 16.61 20.75
CA LYS D 291 3.48 17.37 21.53
C LYS D 291 2.42 17.92 20.56
N VAL D 292 1.22 17.35 20.65
CA VAL D 292 0.15 17.63 19.69
C VAL D 292 -0.79 18.69 20.26
N GLY D 293 -1.05 19.73 19.47
CA GLY D 293 -1.91 20.81 19.94
C GLY D 293 -3.37 20.38 20.05
N ILE D 294 -4.02 20.74 21.16
CA ILE D 294 -5.40 20.36 21.42
C ILE D 294 -6.32 21.61 21.39
N THR D 295 -6.01 22.60 22.23
CA THR D 295 -6.80 23.85 22.29
C THR D 295 -5.90 25.09 22.42
N ILE D 296 -6.42 26.23 22.00
CA ILE D 296 -5.71 27.50 22.09
C ILE D 296 -6.60 28.55 22.75
N ASP D 297 -6.04 29.39 23.61
CA ASP D 297 -6.77 30.48 24.22
C ASP D 297 -6.76 31.65 23.21
N THR D 298 -7.90 31.85 22.54
CA THR D 298 -7.96 32.84 21.46
C THR D 298 -7.96 34.28 21.96
N ASP D 299 -8.43 34.52 23.18
CA ASP D 299 -8.27 35.82 23.80
C ASP D 299 -6.79 36.17 23.93
N TRP D 300 -6.00 35.25 24.48
CA TRP D 300 -4.56 35.46 24.64
C TRP D 300 -3.94 35.67 23.28
N PHE D 301 -4.32 34.82 22.32
CA PHE D 301 -3.66 34.82 21.02
C PHE D 301 -3.88 36.10 20.22
N TRP D 302 -5.12 36.56 20.14
CA TRP D 302 -5.40 37.82 19.45
C TRP D 302 -4.76 39.05 20.10
N GLY D 303 -4.65 39.03 21.43
CA GLY D 303 -3.90 40.06 22.16
C GLY D 303 -2.46 40.10 21.68
N LEU D 304 -1.89 38.92 21.53
CA LEU D 304 -0.49 38.77 21.10
C LEU D 304 -0.30 39.32 19.67
N VAL D 305 -1.23 38.98 18.77
CA VAL D 305 -1.21 39.51 17.39
C VAL D 305 -1.26 41.04 17.34
N GLU D 306 -2.14 41.64 18.14
CA GLU D 306 -2.23 43.10 18.27
C GLU D 306 -0.93 43.72 18.79
N GLU D 307 -0.39 43.13 19.86
CA GLU D 307 0.93 43.47 20.42
C GLU D 307 1.97 43.56 19.30
N CYS D 308 2.08 42.49 18.52
CA CYS D 308 3.05 42.45 17.41
C CYS D 308 2.75 43.51 16.30
N VAL D 309 1.47 43.64 15.92
CA VAL D 309 1.03 44.63 14.92
C VAL D 309 1.46 46.04 15.33
N ARG D 310 1.23 46.37 16.61
CA ARG D 310 1.52 47.70 17.14
C ARG D 310 3.01 47.97 17.19
N GLY D 311 3.81 46.91 17.27
CA GLY D 311 5.26 47.05 17.17
C GLY D 311 5.73 47.77 15.93
N TYR D 312 4.90 47.77 14.88
CA TYR D 312 5.28 48.36 13.58
C TYR D 312 4.81 49.78 13.41
N ILE D 313 3.94 50.25 14.29
CA ILE D 313 3.55 51.64 14.30
C ILE D 313 4.83 52.47 14.50
N LYS D 314 5.03 53.45 13.62
CA LYS D 314 6.22 54.33 13.62
C LYS D 314 5.87 55.75 14.02
#